data_3L4Z
#
_entry.id   3L4Z
#
_cell.length_a   92.422
_cell.length_b   108.784
_cell.length_c   111.051
_cell.angle_alpha   90.000
_cell.angle_beta   90.000
_cell.angle_gamma   90.000
#
_symmetry.space_group_name_H-M   'P 21 21 21'
#
loop_
_entity.id
_entity.type
_entity.pdbx_description
1 polymer 'Maltase-glucoamylase, intestinal'
2 branched 2-acetamido-2-deoxy-beta-D-glucopyranose-(1-4)-2-acetamido-2-deoxy-beta-D-glucopyranose
3 non-polymer '1,4-DIDEOXY-1,4-[[2R,3R)-2,4-DIHYDROXY-3-(SULFOXY)BUTYL]EPISULFONIUMYLIDENE]-D-ARABINITOL INNER SALT'
4 non-polymer 2-acetamido-2-deoxy-beta-D-glucopyranose
5 non-polymer GLYCEROL
6 water water
#
_entity_poly.entity_id   1
_entity_poly.type   'polypeptide(L)'
_entity_poly.pdbx_seq_one_letter_code
;SAECPVVNELERINCIPDQPPTKATCDQRGCCWNPQGAVSVPWCYYSKNHSYHVEGNLVNTNAGFTARLKNLPSSPVFGS
NVDNVLLTAEYQTSNRFHFKLTDQTNNRFEVPHEHVQSFSGNAAASLTYQVEISRQPFSIKVTRRSNNRVLFDSSIGPLL
FADQFLQLSTRLPSTNVYGLGEHVHQQYRHDMNWKTWPIFNRDTTPNGNGTNLYGAQTFFLCLEDASGLSFGVFLMNSNA
MEVVLQPAPAITYRTIGGILDFYVFLGNTPEQVVQEYLELIGRPALPSYWALGFHLSRYEYGTLDNMREVVERNRAAQLP
YDVQHADIDYMDERRDFTYDSVDFKGFPEFVNELHNNGQKLVIIVDPAISNNSSSSKPYGPYDRGSDMKIWVNSSDGVTP
LIGEVWPGQTVFPDYTNPNCAVWWTKEFELFHNQVEFDGIWIDMNEVSNFVDGSVSGCSTNNLNNPPFTPRILDGYLFCK
TLCMDAVQHWGKQYDIHNLYGYSMAVATAEAAKTVFPNKRSFILTRSTFAGSGKFAAHWLGDNTATWDDLRWSIPGVLEF
NLFGIPMVGPDICGFALDTPEELCRRWMQLGAFYPFSRNHNGQGYKDQDPASFGADSLLLNSSRHYLNIRYTLLPYLYTL
FFRAHSRGDTVARPLLHEFYEDNSTWDVHQQFLWGPGLLITPVLDEGAEKVMAYVPDAVWYDYETGSQVRWRKQKVEMEL
PGDKIGLHLRGGYIFPTQQPNTTTLASRKNPLGLIIALDENKEAKGELFWDDGETKDTVANKVYLLCEFSVTQNRLEVNI
SQSTYKDPNNLAFNEIKILGTEEPSNVTVKHNGVPSQTSPTVTYDSNLKVAIITDIDLLLGEAYTVEWAHHHHHH
;
_entity_poly.pdbx_strand_id   A
#
# COMPACT_ATOMS: atom_id res chain seq x y z
N VAL A 7 25.53 30.09 -8.26
CA VAL A 7 24.63 28.92 -8.02
C VAL A 7 25.41 27.72 -7.49
N ASN A 8 25.00 27.20 -6.34
CA ASN A 8 25.43 25.90 -5.89
C ASN A 8 24.88 24.91 -6.90
N GLU A 9 25.74 24.02 -7.37
CA GLU A 9 25.36 23.19 -8.52
C GLU A 9 24.27 22.17 -8.17
N LEU A 10 24.16 21.85 -6.87
CA LEU A 10 23.16 20.91 -6.38
C LEU A 10 21.75 21.48 -6.43
N GLU A 11 21.64 22.77 -6.63
CA GLU A 11 20.35 23.45 -6.76
C GLU A 11 19.92 23.72 -8.18
N ARG A 12 20.74 23.35 -9.14
CA ARG A 12 20.38 23.61 -10.53
C ARG A 12 19.21 22.74 -10.92
N ILE A 13 18.23 23.36 -11.55
CA ILE A 13 17.06 22.66 -12.03
C ILE A 13 17.23 22.45 -13.54
N ASN A 14 17.21 21.20 -13.96
CA ASN A 14 17.54 20.80 -15.33
C ASN A 14 16.55 21.35 -16.35
N CYS A 15 17.08 22.09 -17.32
CA CYS A 15 16.27 22.76 -18.31
C CYS A 15 16.16 21.95 -19.65
N ILE A 16 16.93 20.87 -19.73
CA ILE A 16 16.88 19.94 -20.87
C ILE A 16 16.70 18.53 -20.30
N PRO A 17 15.47 18.21 -19.84
CA PRO A 17 15.16 16.89 -19.30
C PRO A 17 14.94 15.85 -20.42
N ASP A 18 14.82 16.34 -21.65
CA ASP A 18 14.36 15.53 -22.78
C ASP A 18 15.47 14.91 -23.64
N GLN A 19 16.66 15.48 -23.59
CA GLN A 19 17.72 15.08 -24.52
C GLN A 19 19.09 15.33 -23.90
N PRO A 20 20.17 14.76 -24.49
CA PRO A 20 21.52 15.15 -23.98
C PRO A 20 21.79 16.68 -24.11
N PRO A 21 22.43 17.29 -23.09
CA PRO A 21 22.49 18.76 -23.06
C PRO A 21 23.41 19.32 -24.14
N THR A 22 22.95 20.35 -24.85
CA THR A 22 23.84 21.12 -25.69
C THR A 22 23.64 22.61 -25.55
N LYS A 23 24.70 23.38 -25.86
CA LYS A 23 24.68 24.84 -25.71
C LYS A 23 23.68 25.47 -26.65
N ALA A 24 23.57 24.98 -27.87
CA ALA A 24 22.61 25.57 -28.81
C ALA A 24 21.21 25.51 -28.23
N THR A 25 20.79 24.33 -27.74
CA THR A 25 19.46 24.18 -27.13
C THR A 25 19.31 25.10 -25.89
N CYS A 26 20.31 25.04 -25.03
CA CYS A 26 20.38 25.90 -23.85
C CYS A 26 20.07 27.34 -24.24
N ASP A 27 20.86 27.91 -25.14
CA ASP A 27 20.69 29.30 -25.63
C ASP A 27 19.29 29.57 -26.17
N GLN A 28 18.79 28.61 -26.94
CA GLN A 28 17.47 28.67 -27.57
C GLN A 28 16.33 28.67 -26.54
N ARG A 29 16.59 28.08 -25.37
CA ARG A 29 15.58 28.00 -24.32
C ARG A 29 15.75 29.09 -23.24
N GLY A 30 16.80 29.91 -23.35
CA GLY A 30 16.99 31.03 -22.42
C GLY A 30 17.58 30.58 -21.10
N CYS A 31 18.20 29.41 -21.11
CA CYS A 31 18.71 28.81 -19.87
C CYS A 31 20.16 29.11 -19.67
N CYS A 32 20.74 28.56 -18.61
CA CYS A 32 22.13 28.84 -18.23
C CYS A 32 22.98 27.64 -18.59
N TRP A 33 24.20 27.89 -19.09
CA TRP A 33 25.07 26.84 -19.60
C TRP A 33 26.34 26.79 -18.78
N ASN A 34 26.67 25.62 -18.28
CA ASN A 34 27.83 25.47 -17.42
C ASN A 34 28.09 23.97 -17.34
N PRO A 35 28.80 23.42 -18.33
CA PRO A 35 29.07 22.01 -18.36
C PRO A 35 30.01 21.56 -17.24
N GLN A 36 30.52 22.49 -16.44
CA GLN A 36 31.59 22.13 -15.52
C GLN A 36 31.05 21.68 -14.14
N GLY A 37 30.28 20.58 -14.16
CA GLY A 37 29.78 19.96 -12.93
C GLY A 37 30.29 18.54 -12.72
N ALA A 38 29.70 17.85 -11.73
CA ALA A 38 29.89 16.41 -11.50
C ALA A 38 28.85 15.57 -12.28
N VAL A 39 28.88 14.25 -12.12
CA VAL A 39 27.90 13.40 -12.80
C VAL A 39 26.46 13.78 -12.43
N SER A 40 25.62 13.92 -13.45
CA SER A 40 24.20 14.22 -13.30
C SER A 40 23.88 15.66 -12.99
N VAL A 41 24.84 16.42 -12.49
CA VAL A 41 24.64 17.86 -12.26
C VAL A 41 24.24 18.44 -13.63
N PRO A 42 23.12 19.17 -13.71
CA PRO A 42 22.67 19.67 -15.02
C PRO A 42 23.59 20.69 -15.68
N TRP A 43 23.97 20.42 -16.93
CA TRP A 43 24.83 21.34 -17.68
C TRP A 43 24.01 22.54 -18.11
N CYS A 44 22.75 22.29 -18.40
CA CYS A 44 21.80 23.32 -18.75
C CYS A 44 20.70 23.47 -17.66
N TYR A 45 20.53 24.66 -17.11
CA TYR A 45 19.60 24.85 -15.99
C TYR A 45 18.87 26.19 -16.07
N TYR A 46 17.72 26.29 -15.43
CA TYR A 46 16.86 27.46 -15.53
C TYR A 46 17.51 28.67 -14.88
N SER A 47 17.33 29.84 -15.48
CA SER A 47 17.90 31.08 -14.97
C SER A 47 17.05 31.58 -13.83
N LYS A 48 17.66 32.39 -12.95
CA LYS A 48 17.03 32.95 -11.74
C LYS A 48 15.67 33.61 -11.98
N ASN A 49 15.54 34.32 -13.08
CA ASN A 49 14.32 35.07 -13.36
C ASN A 49 13.93 34.93 -14.81
N HIS A 50 12.97 34.03 -15.03
CA HIS A 50 12.28 33.81 -16.31
C HIS A 50 11.22 32.72 -16.09
N SER A 51 10.06 33.11 -15.54
CA SER A 51 8.87 32.23 -15.56
C SER A 51 7.55 33.00 -15.42
N TYR A 52 6.86 32.81 -14.29
CA TYR A 52 5.62 33.52 -14.03
C TYR A 52 5.85 34.61 -12.98
N HIS A 53 4.95 35.57 -12.95
CA HIS A 53 4.97 36.59 -11.92
C HIS A 53 3.55 36.84 -11.52
N VAL A 54 3.36 37.28 -10.27
CA VAL A 54 2.04 37.67 -9.82
C VAL A 54 1.66 39.00 -10.48
N GLU A 55 0.47 39.03 -11.04
CA GLU A 55 -0.11 40.25 -11.57
C GLU A 55 -1.07 40.83 -10.52
N GLY A 56 -0.78 42.03 -10.03
CA GLY A 56 -1.73 42.71 -9.17
C GLY A 56 -1.63 42.16 -7.77
N ASN A 57 -2.71 42.21 -7.00
CA ASN A 57 -2.66 41.79 -5.60
C ASN A 57 -3.30 40.42 -5.44
N LEU A 58 -2.94 39.72 -4.35
CA LEU A 58 -3.67 38.52 -3.96
C LEU A 58 -5.03 38.96 -3.47
N VAL A 59 -6.02 38.07 -3.59
CA VAL A 59 -7.38 38.34 -3.22
C VAL A 59 -7.77 37.38 -2.12
N ASN A 60 -8.06 37.86 -0.91
CA ASN A 60 -8.57 36.98 0.16
C ASN A 60 -9.87 36.38 -0.30
N THR A 61 -10.08 35.09 -0.04
CA THR A 61 -11.34 34.42 -0.30
C THR A 61 -11.82 33.81 1.02
N ASN A 62 -13.04 33.26 1.06
CA ASN A 62 -13.50 32.50 2.22
C ASN A 62 -12.56 31.34 2.61
N ALA A 63 -12.05 30.62 1.62
CA ALA A 63 -11.17 29.46 1.83
C ALA A 63 -9.71 29.85 2.02
N GLY A 64 -9.28 30.96 1.44
CA GLY A 64 -7.88 31.30 1.48
C GLY A 64 -7.55 32.55 0.68
N PHE A 65 -6.94 32.36 -0.49
CA PHE A 65 -6.65 33.45 -1.41
C PHE A 65 -6.49 32.93 -2.83
N THR A 66 -6.61 33.83 -3.79
CA THR A 66 -6.23 33.54 -5.16
C THR A 66 -5.23 34.58 -5.64
N ALA A 67 -4.49 34.25 -6.68
CA ALA A 67 -3.57 35.16 -7.31
C ALA A 67 -3.64 34.88 -8.78
N ARG A 68 -3.43 35.92 -9.57
CA ARG A 68 -3.30 35.80 -11.03
C ARG A 68 -1.82 35.77 -11.36
N LEU A 69 -1.41 34.74 -12.08
CA LEU A 69 -0.01 34.60 -12.46
C LEU A 69 0.05 34.78 -13.98
N LYS A 70 1.10 35.46 -14.44
CA LYS A 70 1.21 35.80 -15.83
C LYS A 70 2.61 35.46 -16.28
N ASN A 71 2.69 34.92 -17.49
CA ASN A 71 3.90 34.38 -18.04
C ASN A 71 4.73 35.49 -18.70
N LEU A 72 6.00 35.56 -18.36
CA LEU A 72 6.94 36.42 -19.07
C LEU A 72 7.30 35.74 -20.40
N PRO A 73 6.96 36.37 -21.54
CA PRO A 73 6.97 35.66 -22.84
C PRO A 73 8.24 34.82 -23.13
N SER A 74 8.05 33.51 -23.21
CA SER A 74 8.99 32.55 -23.81
C SER A 74 8.17 31.73 -24.80
N SER A 75 8.74 31.48 -25.98
CA SER A 75 8.04 30.77 -27.09
C SER A 75 8.07 29.22 -27.06
N PRO A 76 6.99 28.56 -27.56
CA PRO A 76 6.69 27.12 -27.51
C PRO A 76 7.88 26.14 -27.57
N VAL A 77 7.97 25.28 -26.55
CA VAL A 77 9.02 24.26 -26.42
C VAL A 77 8.39 22.87 -26.34
N PHE A 78 7.54 22.67 -25.31
CA PHE A 78 6.78 21.43 -25.18
C PHE A 78 5.28 21.67 -25.36
N GLY A 79 4.96 22.39 -26.42
CA GLY A 79 3.56 22.71 -26.75
C GLY A 79 3.12 24.08 -26.28
N SER A 80 1.84 24.37 -26.52
CA SER A 80 1.22 25.63 -26.14
C SER A 80 1.35 25.94 -24.64
N ASN A 81 1.99 27.08 -24.35
CA ASN A 81 2.19 27.57 -23.00
C ASN A 81 0.94 28.28 -22.46
N VAL A 82 0.77 28.30 -21.13
CA VAL A 82 -0.40 28.95 -20.57
C VAL A 82 0.02 30.33 -20.04
N ASP A 83 -0.50 31.36 -20.68
CA ASP A 83 -0.10 32.73 -20.42
C ASP A 83 -0.62 33.25 -19.08
N ASN A 84 -1.85 32.86 -18.75
CA ASN A 84 -2.52 33.31 -17.54
C ASN A 84 -2.92 32.13 -16.67
N VAL A 85 -2.25 32.03 -15.55
CA VAL A 85 -2.43 30.91 -14.59
C VAL A 85 -3.16 31.45 -13.34
N LEU A 86 -4.12 30.69 -12.82
CA LEU A 86 -4.76 31.04 -11.57
C LEU A 86 -4.21 30.17 -10.41
N LEU A 87 -3.71 30.83 -9.36
CA LEU A 87 -3.36 30.12 -8.11
C LEU A 87 -4.55 30.22 -7.15
N THR A 88 -5.10 29.09 -6.71
CA THR A 88 -6.19 29.05 -5.77
C THR A 88 -5.63 28.35 -4.54
N ALA A 89 -5.72 28.96 -3.37
CA ALA A 89 -5.16 28.33 -2.17
C ALA A 89 -6.24 28.22 -1.12
N GLU A 90 -6.28 27.07 -0.44
CA GLU A 90 -7.28 26.81 0.58
C GLU A 90 -6.64 26.30 1.87
N TYR A 91 -6.95 26.99 2.96
CA TYR A 91 -6.54 26.56 4.29
C TYR A 91 -7.56 25.58 4.79
N GLN A 92 -7.54 24.36 4.25
CA GLN A 92 -8.59 23.38 4.48
C GLN A 92 -8.68 22.90 5.92
N THR A 93 -7.56 22.62 6.56
CA THR A 93 -7.62 22.29 7.99
C THR A 93 -6.38 22.87 8.60
N SER A 94 -6.24 22.72 9.92
CA SER A 94 -5.05 23.20 10.60
C SER A 94 -3.79 22.54 10.11
N ASN A 95 -3.91 21.35 9.55
CA ASN A 95 -2.74 20.57 9.20
C ASN A 95 -2.69 20.18 7.73
N ARG A 96 -3.60 20.75 6.93
CA ARG A 96 -3.64 20.41 5.50
C ARG A 96 -3.86 21.66 4.69
N PHE A 97 -2.90 21.93 3.82
CA PHE A 97 -2.93 23.06 2.93
C PHE A 97 -3.13 22.52 1.52
N HIS A 98 -3.98 23.18 0.76
CA HIS A 98 -4.28 22.78 -0.62
C HIS A 98 -4.04 23.97 -1.49
N PHE A 99 -3.32 23.78 -2.58
CA PHE A 99 -3.26 24.79 -3.62
C PHE A 99 -3.27 24.16 -5.02
N LYS A 100 -3.96 24.82 -5.94
CA LYS A 100 -3.93 24.38 -7.32
C LYS A 100 -3.58 25.50 -8.28
N LEU A 101 -2.92 25.10 -9.36
CA LEU A 101 -2.52 26.01 -10.40
C LEU A 101 -3.29 25.54 -11.64
N THR A 102 -4.13 26.43 -12.19
CA THR A 102 -5.04 26.10 -13.30
C THR A 102 -4.92 27.15 -14.42
N ASP A 103 -5.51 26.88 -15.58
CA ASP A 103 -5.49 27.85 -16.69
C ASP A 103 -6.61 28.81 -16.38
N GLN A 104 -6.29 30.09 -16.29
CA GLN A 104 -7.29 31.11 -15.93
C GLN A 104 -8.46 31.15 -16.91
N THR A 105 -8.21 30.74 -18.14
CA THR A 105 -9.13 31.00 -19.24
C THR A 105 -9.79 29.74 -19.76
N ASN A 106 -9.12 28.60 -19.56
CA ASN A 106 -9.62 27.30 -20.01
C ASN A 106 -9.74 26.31 -18.85
N ASN A 107 -10.82 25.54 -18.87
CA ASN A 107 -10.98 24.38 -18.00
C ASN A 107 -10.12 23.23 -18.51
N ARG A 108 -9.41 22.57 -17.61
CA ARG A 108 -8.50 21.48 -17.98
C ARG A 108 -8.94 20.22 -17.23
N PHE A 109 -8.37 19.07 -17.60
CA PHE A 109 -8.73 17.83 -16.92
C PHE A 109 -8.31 17.91 -15.44
N GLU A 110 -9.19 17.42 -14.58
CA GLU A 110 -8.91 17.28 -13.16
C GLU A 110 -9.39 15.90 -12.76
N VAL A 111 -8.59 15.24 -11.95
CA VAL A 111 -8.91 13.91 -11.53
C VAL A 111 -10.31 13.86 -10.91
N PRO A 112 -11.20 12.98 -11.45
CA PRO A 112 -12.51 12.77 -10.84
C PRO A 112 -12.40 11.79 -9.67
N HIS A 113 -11.64 12.15 -8.62
CA HIS A 113 -11.43 11.24 -7.49
C HIS A 113 -12.77 10.97 -6.82
N GLU A 114 -12.95 9.76 -6.30
CA GLU A 114 -14.21 9.33 -5.70
C GLU A 114 -14.39 9.73 -4.23
N HIS A 115 -13.28 10.04 -3.55
CA HIS A 115 -13.37 10.33 -2.13
C HIS A 115 -13.09 11.80 -1.83
N VAL A 116 -12.03 12.32 -2.44
CA VAL A 116 -11.64 13.71 -2.25
C VAL A 116 -12.81 14.57 -2.73
N GLN A 117 -13.22 15.54 -1.90
CA GLN A 117 -14.29 16.49 -2.29
C GLN A 117 -13.75 17.91 -2.47
N SER A 118 -14.44 18.70 -3.30
CA SER A 118 -14.15 20.12 -3.38
C SER A 118 -14.39 20.75 -2.01
N PHE A 119 -13.65 21.81 -1.73
CA PHE A 119 -13.73 22.45 -0.45
C PHE A 119 -14.76 23.58 -0.54
N SER A 120 -15.71 23.59 0.39
CA SER A 120 -16.62 24.73 0.54
C SER A 120 -16.47 25.28 1.96
N GLY A 121 -16.95 26.50 2.16
CA GLY A 121 -16.73 27.16 3.45
C GLY A 121 -15.30 27.64 3.72
N ASN A 122 -15.04 27.79 5.00
CA ASN A 122 -14.10 28.78 5.47
C ASN A 122 -12.75 28.24 5.86
N ALA A 123 -11.73 29.08 5.67
CA ALA A 123 -10.36 28.81 6.10
C ALA A 123 -10.31 28.34 7.54
N ALA A 124 -9.46 27.34 7.80
CA ALA A 124 -9.42 26.73 9.11
C ALA A 124 -8.82 27.70 10.12
N ALA A 125 -9.26 27.58 11.37
CA ALA A 125 -8.61 28.26 12.50
C ALA A 125 -7.35 27.54 12.93
N SER A 126 -6.48 28.23 13.67
CA SER A 126 -5.39 27.58 14.37
C SER A 126 -4.47 26.79 13.44
N LEU A 127 -3.94 27.44 12.40
CA LEU A 127 -3.10 26.76 11.42
C LEU A 127 -1.74 26.43 12.01
N THR A 128 -1.17 25.30 11.62
CA THR A 128 0.14 24.90 12.09
C THR A 128 1.19 25.36 11.08
N TYR A 129 0.71 25.92 9.99
CA TYR A 129 1.55 26.30 8.87
C TYR A 129 1.22 27.73 8.44
N GLN A 130 2.14 28.34 7.71
CA GLN A 130 1.93 29.64 7.18
C GLN A 130 2.41 29.57 5.75
N VAL A 131 1.76 30.35 4.90
CA VAL A 131 2.03 30.34 3.47
C VAL A 131 2.53 31.73 3.08
N GLU A 132 3.63 31.77 2.33
CA GLU A 132 4.16 33.03 1.78
CA GLU A 132 4.25 32.99 1.82
C GLU A 132 4.31 32.92 0.29
N ILE A 133 3.85 33.97 -0.37
CA ILE A 133 3.89 34.05 -1.82
C ILE A 133 4.86 35.18 -2.20
N SER A 134 5.77 34.92 -3.16
CA SER A 134 6.57 35.97 -3.78
C SER A 134 6.06 36.23 -5.17
N ARG A 135 6.20 37.46 -5.65
CA ARG A 135 5.59 37.85 -6.91
C ARG A 135 6.52 37.88 -8.12
N GLN A 136 7.78 38.21 -7.89
CA GLN A 136 8.72 38.54 -8.99
C GLN A 136 10.06 37.87 -8.78
N PRO A 137 10.20 36.61 -9.27
CA PRO A 137 9.16 35.80 -9.90
C PRO A 137 8.29 35.07 -8.86
N PHE A 138 7.26 34.39 -9.33
CA PHE A 138 6.34 33.65 -8.48
C PHE A 138 7.07 32.55 -7.74
N SER A 139 6.81 32.48 -6.44
CA SER A 139 7.12 31.27 -5.70
C SER A 139 6.12 31.15 -4.56
N ILE A 140 6.02 29.93 -4.02
CA ILE A 140 5.12 29.60 -2.95
C ILE A 140 5.92 28.80 -1.93
N LYS A 141 5.75 29.16 -0.67
CA LYS A 141 6.49 28.59 0.42
C LYS A 141 5.48 28.24 1.51
N VAL A 142 5.63 27.07 2.13
CA VAL A 142 4.80 26.66 3.25
C VAL A 142 5.79 26.45 4.40
N THR A 143 5.63 27.18 5.50
CA THR A 143 6.57 26.96 6.63
C THR A 143 5.81 26.45 7.81
N ARG A 144 6.48 25.68 8.66
CA ARG A 144 5.90 25.29 9.94
C ARG A 144 5.88 26.49 10.91
N ARG A 145 4.70 26.85 11.39
CA ARG A 145 4.58 27.99 12.31
C ARG A 145 5.40 27.89 13.61
N SER A 146 5.42 26.73 14.27
CA SER A 146 6.10 26.53 15.56
C SER A 146 7.61 26.82 15.59
N ASN A 147 8.30 26.56 14.48
CA ASN A 147 9.75 26.74 14.42
C ASN A 147 10.25 27.39 13.13
N ASN A 148 9.33 27.92 12.32
CA ASN A 148 9.63 28.50 10.99
C ASN A 148 10.41 27.65 9.98
N ARG A 149 10.35 26.32 10.14
CA ARG A 149 11.07 25.44 9.21
C ARG A 149 10.36 25.56 7.87
N VAL A 150 11.08 25.85 6.80
CA VAL A 150 10.50 25.93 5.44
C VAL A 150 10.30 24.49 4.96
N LEU A 151 9.06 24.15 4.68
CA LEU A 151 8.70 22.77 4.29
C LEU A 151 8.61 22.62 2.76
N PHE A 152 7.71 23.39 2.14
CA PHE A 152 7.54 23.48 0.68
C PHE A 152 8.14 24.82 0.28
N ASP A 153 8.93 24.89 -0.78
CA ASP A 153 9.49 26.18 -1.24
C ASP A 153 9.80 26.07 -2.71
N SER A 154 8.90 26.55 -3.55
CA SER A 154 9.05 26.37 -4.98
C SER A 154 10.09 27.30 -5.61
N SER A 155 10.72 28.16 -4.80
CA SER A 155 11.60 29.22 -5.34
C SER A 155 12.89 28.69 -5.96
N ILE A 156 13.22 27.42 -5.68
CA ILE A 156 14.42 26.78 -6.24
C ILE A 156 14.35 26.71 -7.77
N GLY A 157 13.13 26.61 -8.31
CA GLY A 157 12.97 26.47 -9.74
C GLY A 157 11.77 27.23 -10.27
N PRO A 158 11.55 27.17 -11.59
CA PRO A 158 10.39 27.85 -12.16
C PRO A 158 9.09 27.07 -11.96
N LEU A 159 7.96 27.68 -12.30
CA LEU A 159 6.71 27.03 -12.57
C LEU A 159 6.68 26.98 -14.09
N LEU A 160 6.45 25.79 -14.64
CA LEU A 160 6.25 25.63 -16.08
C LEU A 160 4.85 25.11 -16.26
N PHE A 161 4.15 25.65 -17.23
CA PHE A 161 2.77 25.31 -17.35
C PHE A 161 2.43 25.41 -18.82
N ALA A 162 2.67 24.33 -19.55
CA ALA A 162 2.20 24.21 -20.94
C ALA A 162 1.14 23.15 -20.97
N ASP A 163 0.40 23.07 -22.09
CA ASP A 163 -0.70 22.11 -22.19
C ASP A 163 -0.26 20.66 -21.93
N GLN A 164 0.96 20.32 -22.29
CA GLN A 164 1.46 18.95 -22.13
C GLN A 164 2.80 18.89 -21.41
N PHE A 165 3.08 19.91 -20.60
CA PHE A 165 4.28 19.90 -19.79
C PHE A 165 4.04 20.90 -18.66
N LEU A 166 3.91 20.36 -17.45
CA LEU A 166 3.66 21.16 -16.24
C LEU A 166 4.76 20.75 -15.28
N GLN A 167 5.38 21.73 -14.61
CA GLN A 167 6.47 21.41 -13.69
C GLN A 167 6.52 22.37 -12.49
N LEU A 168 6.79 21.83 -11.31
CA LEU A 168 6.98 22.63 -10.09
C LEU A 168 7.97 21.86 -9.25
N SER A 169 8.86 22.60 -8.60
CA SER A 169 9.88 22.04 -7.75
C SER A 169 9.62 22.49 -6.30
N THR A 170 10.15 21.78 -5.33
CA THR A 170 10.21 22.35 -3.98
C THR A 170 11.54 21.96 -3.31
N ARG A 171 12.14 22.87 -2.56
CA ARG A 171 13.24 22.52 -1.66
C ARG A 171 12.68 21.61 -0.58
N LEU A 172 13.55 20.83 0.04
CA LEU A 172 13.14 19.96 1.14
C LEU A 172 14.06 20.23 2.33
N PRO A 173 13.52 20.17 3.55
CA PRO A 173 14.28 20.53 4.77
C PRO A 173 15.22 19.43 5.26
N SER A 174 15.19 18.28 4.58
CA SER A 174 16.00 17.13 4.95
C SER A 174 16.08 16.12 3.80
N THR A 175 16.96 15.14 3.95
CA THR A 175 17.02 14.01 3.00
C THR A 175 16.31 12.76 3.54
N ASN A 176 15.40 12.91 4.51
CA ASN A 176 14.67 11.79 5.07
C ASN A 176 13.36 11.75 4.31
N VAL A 177 13.42 11.20 3.11
CA VAL A 177 12.31 11.25 2.19
C VAL A 177 11.91 9.82 1.84
N TYR A 178 10.60 9.56 1.92
CA TYR A 178 10.01 8.23 1.79
C TYR A 178 8.76 8.38 0.97
N GLY A 179 8.56 7.51 -0.02
CA GLY A 179 7.29 7.50 -0.71
C GLY A 179 7.51 7.42 -2.20
N LEU A 180 6.50 7.84 -2.96
CA LEU A 180 6.51 7.72 -4.43
C LEU A 180 6.32 6.29 -4.89
N GLY A 181 5.62 6.11 -6.00
CA GLY A 181 5.43 4.75 -6.50
C GLY A 181 4.60 4.76 -7.76
N GLU A 182 4.40 3.59 -8.36
CA GLU A 182 4.92 2.33 -7.84
C GLU A 182 6.29 1.93 -8.44
N HIS A 183 7.31 1.70 -7.60
CA HIS A 183 8.66 1.38 -8.09
C HIS A 183 9.31 0.36 -7.19
N VAL A 184 10.41 -0.24 -7.65
CA VAL A 184 11.34 -0.94 -6.75
C VAL A 184 12.47 0.08 -6.44
N HIS A 185 12.42 0.71 -5.27
CA HIS A 185 13.43 1.72 -4.86
C HIS A 185 14.68 1.09 -4.28
N GLN A 186 14.56 -0.15 -3.83
CA GLN A 186 15.64 -0.96 -3.25
C GLN A 186 15.98 -0.51 -1.83
N GLN A 187 16.16 0.79 -1.64
CA GLN A 187 16.27 1.37 -0.28
C GLN A 187 14.91 1.99 0.07
N TYR A 188 14.65 2.21 1.36
CA TYR A 188 13.44 2.87 1.77
C TYR A 188 13.60 4.39 1.72
N ARG A 189 14.66 4.90 2.35
CA ARG A 189 14.94 6.32 2.31
C ARG A 189 15.48 6.71 0.94
N HIS A 190 14.95 7.77 0.33
CA HIS A 190 15.56 8.31 -0.90
C HIS A 190 16.73 9.16 -0.44
N ASP A 191 17.94 8.78 -0.84
CA ASP A 191 19.17 9.55 -0.40
C ASP A 191 19.31 10.93 -1.04
N MET A 192 18.44 11.21 -2.03
CA MET A 192 18.33 12.49 -2.68
C MET A 192 19.45 12.77 -3.66
N ASN A 193 20.29 11.80 -3.96
N ASN A 193 20.24 11.75 -3.96
CA ASN A 193 21.19 12.03 -5.06
CA ASN A 193 21.14 11.84 -5.10
C ASN A 193 20.44 11.81 -6.37
C ASN A 193 20.27 12.16 -6.30
N TRP A 194 20.90 12.50 -7.42
CA TRP A 194 20.16 12.77 -8.66
C TRP A 194 19.47 11.53 -9.14
N LYS A 195 18.13 11.57 -9.18
CA LYS A 195 17.32 10.40 -9.56
C LYS A 195 15.97 10.86 -10.10
N THR A 196 15.57 10.27 -11.22
CA THR A 196 14.26 10.47 -11.81
C THR A 196 13.43 9.18 -11.72
N TRP A 197 12.23 9.30 -11.17
CA TRP A 197 11.31 8.17 -11.04
C TRP A 197 10.10 8.43 -11.94
N PRO A 198 9.94 7.62 -12.97
CA PRO A 198 8.74 7.77 -13.82
C PRO A 198 7.52 7.06 -13.19
N ILE A 199 6.33 7.64 -13.37
CA ILE A 199 5.07 7.07 -12.87
C ILE A 199 4.05 7.03 -14.03
N PHE A 200 3.62 5.84 -14.40
CA PHE A 200 2.66 5.58 -15.48
C PHE A 200 2.41 4.10 -15.40
N ASN A 201 1.18 3.73 -15.02
CA ASN A 201 0.82 2.34 -14.75
C ASN A 201 1.14 1.46 -15.94
N ARG A 202 1.87 0.39 -15.67
CA ARG A 202 2.49 -0.41 -16.72
C ARG A 202 2.72 -1.79 -16.17
N ASP A 203 2.35 -2.79 -16.97
CA ASP A 203 2.72 -4.17 -16.72
C ASP A 203 4.21 -4.36 -16.97
N THR A 204 4.99 -4.42 -15.91
CA THR A 204 6.42 -4.59 -16.11
C THR A 204 7.06 -5.20 -14.89
N THR A 205 8.21 -5.83 -15.05
CA THR A 205 8.80 -6.61 -13.98
C THR A 205 9.34 -5.67 -12.92
N PRO A 206 9.02 -5.94 -11.65
CA PRO A 206 9.65 -5.19 -10.58
C PRO A 206 11.08 -5.73 -10.31
N ASN A 207 12.07 -5.14 -10.99
CA ASN A 207 13.46 -5.61 -10.97
C ASN A 207 14.33 -4.43 -10.56
N GLY A 208 15.65 -4.57 -10.74
CA GLY A 208 16.61 -3.53 -10.33
C GLY A 208 16.75 -2.33 -11.25
N ASN A 209 15.93 -2.28 -12.29
CA ASN A 209 16.01 -1.16 -13.24
C ASN A 209 15.28 0.10 -12.84
N GLY A 210 14.48 0.03 -11.79
CA GLY A 210 13.80 1.23 -11.34
C GLY A 210 12.84 1.84 -12.34
N THR A 211 12.09 1.03 -13.09
CA THR A 211 11.08 1.60 -14.00
C THR A 211 9.75 1.93 -13.29
N ASN A 212 8.89 2.63 -14.03
CA ASN A 212 7.49 2.71 -13.67
C ASN A 212 6.91 1.29 -13.60
N LEU A 213 6.05 1.05 -12.60
CA LEU A 213 5.40 -0.24 -12.45
C LEU A 213 3.91 -0.07 -12.48
N TYR A 214 3.18 -0.90 -11.74
CA TYR A 214 1.73 -1.13 -11.91
C TYR A 214 0.85 0.01 -11.46
N GLY A 215 1.31 0.71 -10.41
CA GLY A 215 0.54 1.80 -9.85
C GLY A 215 1.16 3.18 -9.89
N ALA A 216 0.34 4.17 -9.50
CA ALA A 216 0.69 5.57 -9.59
C ALA A 216 0.44 6.19 -8.22
N GLN A 217 1.53 6.60 -7.53
CA GLN A 217 1.44 7.09 -6.14
C GLN A 217 2.38 8.26 -5.97
N THR A 218 1.85 9.48 -5.88
CA THR A 218 2.68 10.66 -5.88
C THR A 218 3.03 11.13 -4.50
N PHE A 219 2.50 10.47 -3.48
CA PHE A 219 2.70 10.98 -2.09
C PHE A 219 4.09 10.68 -1.60
N PHE A 220 4.71 11.64 -0.90
CA PHE A 220 5.91 11.34 -0.15
C PHE A 220 5.85 12.00 1.22
N LEU A 221 6.62 11.44 2.16
CA LEU A 221 6.62 11.95 3.52
C LEU A 221 8.09 12.35 3.84
N CYS A 222 8.27 13.47 4.55
CA CYS A 222 9.59 13.94 4.88
C CYS A 222 9.69 14.10 6.41
N LEU A 223 10.59 13.34 7.04
CA LEU A 223 10.94 13.52 8.47
C LEU A 223 11.90 14.71 8.54
N GLU A 224 11.45 15.83 9.10
CA GLU A 224 12.25 17.07 9.09
C GLU A 224 13.48 16.97 9.99
N ASP A 225 13.33 16.30 11.14
CA ASP A 225 14.38 16.25 12.16
C ASP A 225 14.08 15.20 13.24
N ALA A 226 15.04 15.02 14.15
CA ALA A 226 14.92 14.07 15.25
C ALA A 226 13.77 14.31 16.24
N SER A 227 13.15 15.50 16.25
CA SER A 227 12.03 15.74 17.16
C SER A 227 10.77 14.98 16.71
N GLY A 228 10.74 14.58 15.44
CA GLY A 228 9.67 13.76 14.87
C GLY A 228 8.84 14.57 13.87
N LEU A 229 9.01 15.89 13.92
CA LEU A 229 8.22 16.80 13.10
C LEU A 229 8.38 16.42 11.61
N SER A 230 7.26 16.27 10.91
CA SER A 230 7.28 15.69 9.56
C SER A 230 6.21 16.37 8.74
N PHE A 231 6.28 16.19 7.42
CA PHE A 231 5.25 16.74 6.55
C PHE A 231 5.18 15.84 5.32
N GLY A 232 4.15 16.04 4.52
CA GLY A 232 3.92 15.15 3.35
C GLY A 232 3.37 16.04 2.26
N VAL A 233 3.53 15.61 1.00
CA VAL A 233 3.05 16.36 -0.15
C VAL A 233 2.36 15.32 -1.06
N PHE A 234 1.19 15.65 -1.60
CA PHE A 234 0.54 14.78 -2.55
C PHE A 234 0.16 15.63 -3.78
N LEU A 235 0.35 15.07 -4.96
CA LEU A 235 -0.05 15.73 -6.20
C LEU A 235 -1.21 14.93 -6.79
N MET A 236 -2.36 15.55 -6.84
CA MET A 236 -3.56 14.99 -7.46
C MET A 236 -3.52 15.21 -8.98
N ASN A 237 -2.84 14.30 -9.67
CA ASN A 237 -2.70 14.38 -11.15
C ASN A 237 -2.56 12.96 -11.63
N SER A 238 -3.35 12.55 -12.62
CA SER A 238 -3.28 11.18 -13.16
C SER A 238 -2.54 11.03 -14.52
N ASN A 239 -1.92 12.10 -15.02
CA ASN A 239 -1.19 12.04 -16.29
C ASN A 239 0.16 11.41 -16.10
N ALA A 240 0.78 10.96 -17.19
CA ALA A 240 2.11 10.38 -17.12
C ALA A 240 3.03 11.43 -16.49
N MET A 241 3.93 11.00 -15.62
CA MET A 241 4.70 12.02 -14.99
C MET A 241 6.01 11.45 -14.52
N GLU A 242 6.92 12.32 -14.08
CA GLU A 242 8.11 11.80 -13.46
C GLU A 242 8.50 12.72 -12.30
N VAL A 243 9.20 12.13 -11.35
CA VAL A 243 9.54 12.87 -10.17
C VAL A 243 11.05 12.83 -10.11
N VAL A 244 11.63 14.00 -10.01
CA VAL A 244 13.06 14.23 -10.08
C VAL A 244 13.63 14.65 -8.72
N LEU A 245 14.53 13.83 -8.16
CA LEU A 245 15.12 14.11 -6.85
C LEU A 245 16.53 14.64 -7.08
N GLN A 246 16.94 15.63 -6.31
CA GLN A 246 18.31 16.10 -6.39
C GLN A 246 18.84 16.50 -5.02
N PRO A 247 20.17 16.57 -4.90
CA PRO A 247 20.86 16.76 -3.62
C PRO A 247 20.79 18.13 -2.98
N ALA A 248 20.08 19.07 -3.56
CA ALA A 248 19.90 20.40 -2.93
C ALA A 248 19.72 20.38 -1.39
N PRO A 249 18.75 19.57 -0.83
CA PRO A 249 17.80 18.61 -1.46
C PRO A 249 16.53 19.21 -2.00
N ALA A 250 16.01 18.63 -3.08
CA ALA A 250 14.79 19.19 -3.67
C ALA A 250 14.12 18.10 -4.49
N ILE A 251 12.83 18.27 -4.75
CA ILE A 251 12.04 17.36 -5.59
C ILE A 251 11.32 18.24 -6.62
N THR A 252 11.21 17.72 -7.83
CA THR A 252 10.47 18.36 -8.92
C THR A 252 9.45 17.35 -9.44
N TYR A 253 8.23 17.81 -9.68
CA TYR A 253 7.16 17.03 -10.32
C TYR A 253 7.04 17.58 -11.75
N ARG A 254 7.01 16.68 -12.74
CA ARG A 254 6.99 17.06 -14.14
C ARG A 254 5.94 16.12 -14.76
N THR A 255 4.79 16.68 -15.13
CA THR A 255 3.65 15.91 -15.62
C THR A 255 3.29 16.41 -17.01
N ILE A 256 2.62 15.58 -17.82
CA ILE A 256 2.35 15.94 -19.23
C ILE A 256 0.88 16.25 -19.49
N GLY A 257 0.14 16.48 -18.42
CA GLY A 257 -1.24 16.92 -18.57
C GLY A 257 -1.88 17.40 -17.28
N GLY A 258 -3.17 17.72 -17.37
CA GLY A 258 -3.99 18.03 -16.22
C GLY A 258 -3.61 19.34 -15.57
N ILE A 259 -3.66 19.39 -14.24
CA ILE A 259 -3.33 20.61 -13.52
C ILE A 259 -2.39 20.27 -12.35
N LEU A 260 -1.79 21.29 -11.77
CA LEU A 260 -0.95 21.09 -10.60
C LEU A 260 -1.85 21.35 -9.44
N ASP A 261 -2.24 20.26 -8.79
CA ASP A 261 -3.18 20.24 -7.69
C ASP A 261 -2.47 19.58 -6.52
N PHE A 262 -1.95 20.41 -5.61
CA PHE A 262 -1.11 19.96 -4.51
C PHE A 262 -1.77 20.09 -3.15
N TYR A 263 -1.38 19.17 -2.27
CA TYR A 263 -1.81 19.17 -0.88
C TYR A 263 -0.55 19.04 -0.05
N VAL A 264 -0.47 19.78 1.04
CA VAL A 264 0.68 19.71 1.98
C VAL A 264 0.11 19.44 3.36
N PHE A 265 0.68 18.46 4.04
CA PHE A 265 0.14 17.93 5.29
C PHE A 265 1.24 18.10 6.32
N LEU A 266 0.93 18.59 7.51
CA LEU A 266 1.95 18.66 8.57
C LEU A 266 1.58 17.74 9.69
N GLY A 267 2.55 17.14 10.35
CA GLY A 267 2.24 16.41 11.57
C GLY A 267 3.41 16.46 12.54
N ASN A 268 3.14 16.05 13.78
CA ASN A 268 4.17 16.06 14.82
C ASN A 268 5.04 14.86 14.78
N THR A 269 4.57 13.83 14.06
CA THR A 269 5.22 12.52 13.93
C THR A 269 5.03 12.08 12.49
N PRO A 270 5.88 11.17 11.99
CA PRO A 270 5.54 10.61 10.67
C PRO A 270 4.18 9.92 10.60
N GLU A 271 3.78 9.18 11.63
CA GLU A 271 2.44 8.59 11.71
C GLU A 271 1.31 9.61 11.53
N GLN A 272 1.45 10.83 12.09
CA GLN A 272 0.42 11.85 11.90
C GLN A 272 0.35 12.39 10.48
N VAL A 273 1.48 12.40 9.80
CA VAL A 273 1.47 12.81 8.39
C VAL A 273 0.70 11.78 7.56
N VAL A 274 0.92 10.48 7.80
CA VAL A 274 0.15 9.40 7.11
C VAL A 274 -1.34 9.55 7.42
N GLN A 275 -1.67 9.78 8.70
CA GLN A 275 -3.06 9.98 9.09
C GLN A 275 -3.73 11.17 8.36
N GLU A 276 -2.99 12.26 8.20
CA GLU A 276 -3.48 13.46 7.52
C GLU A 276 -3.67 13.19 6.03
N TYR A 277 -2.73 12.49 5.42
CA TYR A 277 -2.90 12.08 4.01
C TYR A 277 -4.10 11.17 3.81
N LEU A 278 -4.27 10.19 4.66
CA LEU A 278 -5.35 9.22 4.50
C LEU A 278 -6.72 9.80 4.80
N GLU A 279 -6.73 10.81 5.67
CA GLU A 279 -7.93 11.56 5.94
C GLU A 279 -8.42 12.25 4.66
N LEU A 280 -7.51 12.79 3.88
CA LEU A 280 -7.89 13.37 2.63
C LEU A 280 -8.30 12.30 1.60
N ILE A 281 -7.45 11.30 1.36
CA ILE A 281 -7.67 10.47 0.17
C ILE A 281 -8.54 9.30 0.48
N GLY A 282 -8.66 8.95 1.76
CA GLY A 282 -9.45 7.84 2.17
C GLY A 282 -8.65 6.78 2.89
N ARG A 283 -9.16 6.39 4.05
CA ARG A 283 -8.52 5.32 4.86
C ARG A 283 -8.80 3.93 4.32
N PRO A 284 -7.87 3.00 4.59
CA PRO A 284 -8.04 1.65 4.08
C PRO A 284 -9.24 0.90 4.64
N ALA A 285 -9.84 0.07 3.80
CA ALA A 285 -10.88 -0.85 4.23
C ALA A 285 -10.33 -1.73 5.35
N LEU A 286 -11.18 -1.99 6.33
CA LEU A 286 -10.92 -3.05 7.29
C LEU A 286 -11.10 -4.37 6.58
N PRO A 287 -10.06 -5.24 6.59
CA PRO A 287 -10.20 -6.51 5.86
C PRO A 287 -11.10 -7.50 6.56
N SER A 288 -11.57 -8.49 5.81
CA SER A 288 -12.09 -9.71 6.43
C SER A 288 -10.99 -10.35 7.26
N TYR A 289 -11.35 -10.84 8.43
CA TYR A 289 -10.34 -11.42 9.30
C TYR A 289 -9.69 -12.61 8.59
N TRP A 290 -10.48 -13.38 7.81
CA TRP A 290 -9.85 -14.50 7.10
C TRP A 290 -8.74 -14.10 6.15
N ALA A 291 -8.84 -12.90 5.58
CA ALA A 291 -7.85 -12.45 4.59
C ALA A 291 -6.49 -12.17 5.24
N LEU A 292 -6.44 -12.20 6.58
CA LEU A 292 -5.19 -11.98 7.30
C LEU A 292 -4.49 -13.32 7.47
N GLY A 293 -5.16 -14.39 7.03
CA GLY A 293 -4.54 -15.70 7.07
C GLY A 293 -3.52 -15.85 5.95
N PHE A 294 -2.92 -17.03 5.87
CA PHE A 294 -2.01 -17.36 4.78
C PHE A 294 -2.80 -17.78 3.53
N HIS A 295 -2.34 -17.31 2.39
CA HIS A 295 -2.95 -17.53 1.07
C HIS A 295 -1.97 -18.36 0.19
N LEU A 296 -2.49 -19.31 -0.57
CA LEU A 296 -1.64 -20.10 -1.46
C LEU A 296 -2.20 -20.04 -2.86
N SER A 297 -1.32 -20.03 -3.84
CA SER A 297 -1.66 -19.74 -5.19
C SER A 297 -0.58 -20.23 -6.15
N ARG A 298 -0.97 -20.48 -7.39
CA ARG A 298 0.01 -20.46 -8.46
C ARG A 298 -0.64 -20.27 -9.81
N TYR A 299 0.16 -19.79 -10.75
CA TYR A 299 -0.20 -19.71 -12.17
C TYR A 299 -0.05 -21.11 -12.76
N GLU A 300 -1.15 -21.67 -13.26
CA GLU A 300 -1.14 -23.00 -13.92
C GLU A 300 -0.88 -24.19 -13.02
N TYR A 301 -1.85 -24.52 -12.17
CA TYR A 301 -1.94 -25.87 -11.69
C TYR A 301 -2.31 -26.75 -12.90
N GLY A 302 -3.04 -26.17 -13.84
CA GLY A 302 -3.43 -26.80 -15.13
C GLY A 302 -4.74 -27.54 -15.00
N THR A 303 -4.85 -28.27 -13.90
CA THR A 303 -6.04 -29.06 -13.62
C THR A 303 -6.48 -28.95 -12.17
N LEU A 304 -7.76 -29.17 -11.95
CA LEU A 304 -8.34 -29.24 -10.62
C LEU A 304 -7.69 -30.36 -9.81
N ASP A 305 -7.48 -31.52 -10.44
CA ASP A 305 -6.80 -32.60 -9.77
C ASP A 305 -5.47 -32.12 -9.19
N ASN A 306 -4.69 -31.37 -9.97
CA ASN A 306 -3.41 -30.81 -9.54
C ASN A 306 -3.58 -29.82 -8.37
N MET A 307 -4.54 -28.91 -8.51
CA MET A 307 -4.83 -27.94 -7.46
C MET A 307 -5.21 -28.64 -6.16
N ARG A 308 -6.10 -29.63 -6.25
CA ARG A 308 -6.51 -30.39 -5.06
C ARG A 308 -5.35 -31.09 -4.38
N GLU A 309 -4.42 -31.63 -5.17
CA GLU A 309 -3.30 -32.34 -4.61
C GLU A 309 -2.44 -31.41 -3.74
N VAL A 310 -2.23 -30.19 -4.24
CA VAL A 310 -1.47 -29.13 -3.53
C VAL A 310 -2.26 -28.73 -2.29
N VAL A 311 -3.57 -28.51 -2.43
CA VAL A 311 -4.38 -28.12 -1.28
C VAL A 311 -4.23 -29.17 -0.20
N GLU A 312 -4.35 -30.44 -0.59
CA GLU A 312 -4.37 -31.56 0.35
C GLU A 312 -3.05 -31.83 1.03
N ARG A 313 -1.94 -31.72 0.32
CA ARG A 313 -0.67 -31.93 1.01
C ARG A 313 -0.35 -30.84 2.03
N ASN A 314 -0.81 -29.62 1.80
CA ASN A 314 -0.55 -28.55 2.78
C ASN A 314 -1.48 -28.61 3.96
N ARG A 315 -2.72 -29.04 3.73
CA ARG A 315 -3.62 -29.38 4.83
C ARG A 315 -3.16 -30.57 5.63
N ALA A 316 -2.66 -31.61 4.94
CA ALA A 316 -2.07 -32.78 5.63
C ALA A 316 -0.95 -32.39 6.57
N ALA A 317 -0.20 -31.36 6.18
CA ALA A 317 0.92 -30.85 6.98
C ALA A 317 0.50 -29.93 8.13
N GLN A 318 -0.81 -29.64 8.25
CA GLN A 318 -1.32 -28.74 9.29
C GLN A 318 -0.71 -27.33 9.14
N LEU A 319 -0.58 -26.88 7.90
CA LEU A 319 -0.11 -25.52 7.66
C LEU A 319 -1.28 -24.60 7.96
N PRO A 320 -1.06 -23.48 8.71
CA PRO A 320 -2.11 -22.46 8.74
C PRO A 320 -2.33 -21.89 7.34
N TYR A 321 -3.56 -21.91 6.85
CA TYR A 321 -3.78 -21.83 5.42
C TYR A 321 -5.27 -21.55 5.23
N ASP A 322 -5.61 -20.27 5.06
CA ASP A 322 -6.99 -19.87 4.98
C ASP A 322 -7.55 -19.79 3.57
N VAL A 323 -6.70 -19.42 2.61
CA VAL A 323 -7.18 -19.04 1.28
C VAL A 323 -6.40 -19.72 0.14
N GLN A 324 -7.18 -20.23 -0.82
CA GLN A 324 -6.67 -20.79 -2.03
C GLN A 324 -7.06 -19.85 -3.13
N HIS A 325 -6.09 -19.41 -3.93
CA HIS A 325 -6.41 -18.59 -5.11
C HIS A 325 -6.46 -19.49 -6.35
N ALA A 326 -7.24 -19.08 -7.34
CA ALA A 326 -7.31 -19.84 -8.57
C ALA A 326 -7.06 -18.89 -9.70
N ASP A 327 -6.05 -19.19 -10.49
CA ASP A 327 -5.54 -18.29 -11.51
C ASP A 327 -6.25 -18.66 -12.81
N ILE A 328 -5.84 -18.03 -13.90
CA ILE A 328 -6.56 -18.12 -15.17
C ILE A 328 -6.67 -19.53 -15.75
N ASP A 329 -5.88 -20.48 -15.26
CA ASP A 329 -6.10 -21.87 -15.62
C ASP A 329 -7.47 -22.48 -15.23
N TYR A 330 -8.20 -21.88 -14.27
CA TYR A 330 -9.56 -22.41 -13.98
C TYR A 330 -10.54 -22.07 -15.11
N MET A 331 -10.24 -21.04 -15.91
CA MET A 331 -11.19 -20.58 -16.93
C MET A 331 -11.26 -21.50 -18.15
N ASP A 332 -12.33 -21.36 -18.91
CA ASP A 332 -12.45 -22.13 -20.16
C ASP A 332 -11.70 -21.25 -21.16
N GLU A 333 -10.47 -21.64 -21.49
CA GLU A 333 -9.63 -20.91 -22.45
C GLU A 333 -9.33 -19.46 -22.01
N ARG A 334 -9.00 -19.28 -20.72
CA ARG A 334 -8.56 -17.96 -20.19
C ARG A 334 -9.62 -16.87 -20.36
N ARG A 335 -10.88 -17.30 -20.36
CA ARG A 335 -12.02 -16.37 -20.47
C ARG A 335 -12.73 -16.11 -19.14
N ASP A 336 -12.96 -14.84 -18.81
CA ASP A 336 -13.64 -14.47 -17.57
C ASP A 336 -14.99 -15.18 -17.47
N PHE A 337 -15.38 -15.57 -16.25
CA PHE A 337 -16.76 -15.94 -15.94
C PHE A 337 -17.17 -17.26 -16.62
N THR A 338 -16.18 -18.16 -16.71
CA THR A 338 -16.31 -19.54 -17.13
C THR A 338 -15.31 -20.35 -16.32
N TYR A 339 -15.58 -21.64 -16.16
CA TYR A 339 -14.53 -22.59 -15.79
C TYR A 339 -14.42 -23.73 -16.81
N ASP A 340 -13.25 -24.36 -16.84
CA ASP A 340 -12.93 -25.39 -17.82
C ASP A 340 -13.68 -26.65 -17.43
N SER A 341 -14.77 -26.95 -18.13
CA SER A 341 -15.62 -28.08 -17.78
C SER A 341 -14.87 -29.42 -17.91
N VAL A 342 -13.72 -29.42 -18.57
CA VAL A 342 -12.91 -30.64 -18.67
C VAL A 342 -11.80 -30.71 -17.60
N ASP A 343 -10.76 -29.87 -17.69
CA ASP A 343 -9.67 -29.89 -16.70
C ASP A 343 -10.09 -29.42 -15.30
N PHE A 344 -11.13 -28.60 -15.24
CA PHE A 344 -11.70 -28.17 -13.94
C PHE A 344 -13.12 -28.68 -13.72
N LYS A 345 -13.37 -29.89 -14.24
CA LYS A 345 -14.61 -30.60 -14.00
C LYS A 345 -14.73 -30.84 -12.51
N GLY A 346 -15.84 -30.43 -11.93
CA GLY A 346 -16.06 -30.67 -10.52
C GLY A 346 -15.60 -29.48 -9.68
N PHE A 347 -15.34 -28.36 -10.33
CA PHE A 347 -14.93 -27.12 -9.63
C PHE A 347 -15.92 -26.76 -8.49
N PRO A 348 -17.27 -26.74 -8.76
CA PRO A 348 -18.22 -26.46 -7.68
C PRO A 348 -18.12 -27.36 -6.45
N GLU A 349 -17.85 -28.66 -6.64
CA GLU A 349 -17.67 -29.63 -5.56
C GLU A 349 -16.39 -29.31 -4.79
N PHE A 350 -15.36 -28.84 -5.51
CA PHE A 350 -14.07 -28.46 -4.84
C PHE A 350 -14.24 -27.28 -3.87
N VAL A 351 -15.01 -26.30 -4.31
CA VAL A 351 -15.31 -25.10 -3.55
C VAL A 351 -16.09 -25.48 -2.30
N ASN A 352 -17.00 -26.46 -2.42
CA ASN A 352 -17.69 -26.98 -1.26
C ASN A 352 -16.68 -27.59 -0.30
N GLU A 353 -15.73 -28.35 -0.82
CA GLU A 353 -14.66 -28.98 -0.01
C GLU A 353 -13.84 -27.90 0.70
N LEU A 354 -13.45 -26.84 -0.02
CA LEU A 354 -12.74 -25.70 0.61
C LEU A 354 -13.57 -25.15 1.75
N HIS A 355 -14.83 -24.83 1.47
CA HIS A 355 -15.69 -24.20 2.48
C HIS A 355 -15.92 -25.06 3.71
N ASN A 356 -15.99 -26.37 3.49
CA ASN A 356 -16.17 -27.34 4.56
CA ASN A 356 -16.18 -27.31 4.60
C ASN A 356 -14.94 -27.50 5.44
N ASN A 357 -13.79 -27.20 4.87
CA ASN A 357 -12.55 -27.24 5.67
C ASN A 357 -12.22 -25.87 6.30
N GLY A 358 -13.15 -24.93 6.17
CA GLY A 358 -13.06 -23.59 6.71
C GLY A 358 -12.17 -22.67 5.91
N GLN A 359 -12.03 -22.96 4.61
CA GLN A 359 -11.11 -22.20 3.77
C GLN A 359 -11.92 -21.41 2.76
N LYS A 360 -11.26 -20.55 2.01
CA LYS A 360 -11.94 -19.58 1.18
C LYS A 360 -11.33 -19.68 -0.19
N LEU A 361 -12.08 -19.27 -1.22
CA LEU A 361 -11.62 -19.34 -2.60
C LEU A 361 -11.61 -17.93 -3.16
N VAL A 362 -10.45 -17.51 -3.69
CA VAL A 362 -10.35 -16.23 -4.35
C VAL A 362 -10.05 -16.53 -5.83
N ILE A 363 -10.79 -15.92 -6.76
CA ILE A 363 -10.57 -16.17 -8.17
C ILE A 363 -10.04 -14.92 -8.82
N ILE A 364 -9.14 -15.11 -9.79
CA ILE A 364 -8.64 -14.05 -10.64
C ILE A 364 -9.73 -13.73 -11.68
N VAL A 365 -9.85 -12.43 -11.97
CA VAL A 365 -10.70 -11.89 -12.97
C VAL A 365 -9.87 -10.80 -13.67
N ASP A 366 -9.88 -10.82 -14.99
CA ASP A 366 -9.14 -9.89 -15.79
C ASP A 366 -10.14 -8.87 -16.30
N PRO A 367 -9.71 -7.63 -16.57
CA PRO A 367 -10.65 -6.69 -17.14
C PRO A 367 -11.10 -7.09 -18.57
N ALA A 368 -10.19 -7.65 -19.35
CA ALA A 368 -10.35 -7.74 -20.80
C ALA A 368 -11.33 -8.87 -21.11
N ILE A 369 -12.25 -8.60 -22.02
CA ILE A 369 -13.33 -9.54 -22.34
C ILE A 369 -13.16 -10.02 -23.79
N SER A 370 -13.09 -11.33 -24.00
CA SER A 370 -12.97 -11.91 -25.36
C SER A 370 -14.11 -11.38 -26.24
N ASN A 371 -13.79 -10.84 -27.42
CA ASN A 371 -14.86 -10.45 -28.37
C ASN A 371 -15.32 -11.59 -29.32
N ASN A 372 -15.03 -12.82 -28.96
CA ASN A 372 -15.29 -13.97 -29.81
C ASN A 372 -16.56 -14.66 -29.37
N SER A 373 -17.64 -14.25 -30.04
CA SER A 373 -18.99 -14.67 -29.71
C SER A 373 -19.73 -14.86 -31.03
N SER A 374 -20.44 -15.97 -31.17
CA SER A 374 -21.27 -16.26 -32.37
C SER A 374 -22.59 -16.87 -31.93
N SER A 375 -23.44 -17.23 -32.89
CA SER A 375 -24.69 -17.90 -32.55
C SER A 375 -24.45 -19.37 -32.19
N SER A 376 -23.54 -20.02 -32.91
CA SER A 376 -23.14 -21.37 -32.58
C SER A 376 -22.60 -21.37 -31.15
N LYS A 377 -21.59 -20.54 -30.90
CA LYS A 377 -20.90 -20.48 -29.61
C LYS A 377 -20.92 -19.07 -28.99
N PRO A 378 -22.01 -18.75 -28.25
CA PRO A 378 -22.16 -17.41 -27.65
C PRO A 378 -21.22 -17.24 -26.44
N TYR A 379 -20.65 -16.04 -26.30
CA TYR A 379 -19.91 -15.67 -25.06
C TYR A 379 -20.72 -14.57 -24.37
N GLY A 380 -21.37 -14.95 -23.27
CA GLY A 380 -22.35 -14.10 -22.60
C GLY A 380 -21.85 -12.76 -22.07
N PRO A 381 -20.70 -12.74 -21.36
CA PRO A 381 -20.15 -11.42 -20.93
C PRO A 381 -19.92 -10.43 -22.06
N TYR A 382 -19.33 -10.90 -23.17
CA TYR A 382 -19.17 -10.03 -24.34
C TYR A 382 -20.53 -9.60 -24.89
N ASP A 383 -21.45 -10.56 -25.01
CA ASP A 383 -22.79 -10.29 -25.55
C ASP A 383 -23.50 -9.22 -24.73
N ARG A 384 -23.58 -9.44 -23.41
CA ARG A 384 -24.22 -8.50 -22.51
C ARG A 384 -23.50 -7.15 -22.40
N GLY A 385 -22.15 -7.17 -22.37
CA GLY A 385 -21.41 -5.91 -22.34
C GLY A 385 -21.69 -5.10 -23.59
N SER A 386 -21.81 -5.80 -24.72
CA SER A 386 -22.07 -5.11 -26.00
C SER A 386 -23.45 -4.50 -26.05
N ASP A 387 -24.45 -5.25 -25.58
CA ASP A 387 -25.83 -4.74 -25.47
C ASP A 387 -25.92 -3.50 -24.59
N MET A 388 -25.15 -3.49 -23.50
CA MET A 388 -25.14 -2.36 -22.56
C MET A 388 -24.22 -1.24 -23.02
N LYS A 389 -23.37 -1.52 -24.01
CA LYS A 389 -22.45 -0.56 -24.63
C LYS A 389 -21.39 0.02 -23.67
N ILE A 390 -20.80 -0.86 -22.87
CA ILE A 390 -19.95 -0.43 -21.74
C ILE A 390 -18.43 -0.51 -21.95
N TRP A 391 -17.99 -0.64 -23.21
CA TRP A 391 -16.57 -0.82 -23.53
C TRP A 391 -15.88 0.50 -23.72
N VAL A 392 -14.55 0.49 -23.55
CA VAL A 392 -13.69 1.60 -23.94
C VAL A 392 -13.72 1.70 -25.50
N ASN A 393 -13.93 2.89 -26.03
CA ASN A 393 -14.00 3.11 -27.47
C ASN A 393 -12.71 3.69 -28.05
N SER A 394 -12.42 3.39 -29.32
CA SER A 394 -11.34 4.06 -30.05
C SER A 394 -11.66 5.53 -30.19
N SER A 395 -10.70 6.30 -30.70
CA SER A 395 -10.81 7.76 -30.74
C SER A 395 -12.03 8.28 -31.52
N ASP A 396 -12.70 7.41 -32.31
CA ASP A 396 -13.93 7.83 -33.02
C ASP A 396 -15.11 8.03 -32.06
N GLY A 397 -14.94 7.56 -30.82
CA GLY A 397 -15.93 7.70 -29.77
C GLY A 397 -17.10 6.74 -29.86
N VAL A 398 -17.07 5.80 -30.81
CA VAL A 398 -18.22 4.86 -31.02
C VAL A 398 -17.87 3.41 -31.30
N THR A 399 -16.69 3.13 -31.82
CA THR A 399 -16.26 1.76 -32.03
C THR A 399 -15.42 1.29 -30.81
N PRO A 400 -15.86 0.21 -30.14
CA PRO A 400 -15.06 -0.36 -29.06
C PRO A 400 -13.65 -0.65 -29.50
N LEU A 401 -12.68 -0.34 -28.64
CA LEU A 401 -11.27 -0.56 -28.95
C LEU A 401 -10.93 -2.04 -28.80
N ILE A 402 -10.16 -2.58 -29.75
CA ILE A 402 -9.79 -3.99 -29.71
C ILE A 402 -8.34 -4.15 -29.35
N GLY A 403 -8.05 -4.98 -28.36
CA GLY A 403 -6.68 -5.30 -28.03
C GLY A 403 -6.54 -6.78 -27.96
N GLU A 404 -5.56 -7.26 -27.19
CA GLU A 404 -5.28 -8.68 -27.07
C GLU A 404 -4.78 -9.00 -25.66
N VAL A 405 -5.46 -9.90 -24.95
CA VAL A 405 -4.89 -10.38 -23.66
C VAL A 405 -4.98 -11.91 -23.64
N TRP A 406 -5.15 -12.52 -22.47
CA TRP A 406 -5.04 -13.99 -22.35
C TRP A 406 -5.93 -14.78 -23.31
N PRO A 407 -7.21 -14.37 -23.47
CA PRO A 407 -8.04 -15.22 -24.32
C PRO A 407 -7.92 -14.98 -25.84
N GLY A 408 -7.21 -13.92 -26.23
CA GLY A 408 -7.13 -13.51 -27.63
C GLY A 408 -7.53 -12.07 -27.80
N GLN A 409 -8.12 -11.73 -28.94
CA GLN A 409 -8.65 -10.38 -29.15
C GLN A 409 -9.71 -10.07 -28.09
N THR A 410 -9.67 -8.85 -27.58
CA THR A 410 -10.53 -8.47 -26.47
C THR A 410 -11.01 -7.05 -26.58
N VAL A 411 -12.08 -6.76 -25.88
CA VAL A 411 -12.49 -5.41 -25.64
C VAL A 411 -12.30 -5.21 -24.10
N PHE A 412 -12.29 -3.95 -23.65
CA PHE A 412 -11.96 -3.59 -22.27
C PHE A 412 -13.14 -2.83 -21.65
N PRO A 413 -13.61 -3.27 -20.47
CA PRO A 413 -14.67 -2.56 -19.79
C PRO A 413 -14.25 -1.11 -19.47
N ASP A 414 -15.20 -0.18 -19.59
CA ASP A 414 -15.05 1.19 -19.16
C ASP A 414 -15.65 1.36 -17.77
N TYR A 415 -14.85 1.04 -16.75
CA TYR A 415 -15.32 1.05 -15.39
C TYR A 415 -15.61 2.47 -14.88
N THR A 416 -15.34 3.51 -15.68
CA THR A 416 -15.68 4.89 -15.29
C THR A 416 -17.15 5.23 -15.57
N ASN A 417 -17.79 4.40 -16.40
CA ASN A 417 -19.21 4.49 -16.67
C ASN A 417 -20.00 3.77 -15.57
N PRO A 418 -20.87 4.48 -14.82
CA PRO A 418 -21.76 3.81 -13.84
C PRO A 418 -22.51 2.54 -14.33
N ASN A 419 -22.96 2.53 -15.58
CA ASN A 419 -23.59 1.33 -16.17
C ASN A 419 -22.70 0.12 -16.36
N CYS A 420 -21.40 0.35 -16.47
CA CYS A 420 -20.44 -0.73 -16.55
C CYS A 420 -20.45 -1.56 -15.27
N ALA A 421 -20.49 -0.91 -14.12
CA ALA A 421 -20.50 -1.62 -12.81
C ALA A 421 -21.76 -2.45 -12.63
N VAL A 422 -22.86 -1.96 -13.17
CA VAL A 422 -24.08 -2.79 -13.23
C VAL A 422 -23.81 -4.05 -14.06
N TRP A 423 -23.19 -3.90 -15.23
CA TRP A 423 -22.85 -5.06 -16.09
C TRP A 423 -21.90 -6.02 -15.35
N TRP A 424 -20.88 -5.42 -14.74
CA TRP A 424 -19.82 -6.16 -14.01
C TRP A 424 -20.44 -6.94 -12.85
N THR A 425 -21.30 -6.29 -12.08
CA THR A 425 -21.99 -6.93 -10.98
C THR A 425 -22.81 -8.14 -11.46
N LYS A 426 -23.62 -7.95 -12.50
CA LYS A 426 -24.41 -9.06 -13.06
C LYS A 426 -23.55 -10.21 -13.54
N GLU A 427 -22.40 -9.91 -14.17
CA GLU A 427 -21.45 -10.99 -14.57
C GLU A 427 -20.98 -11.78 -13.35
N PHE A 428 -20.65 -11.10 -12.26
CA PHE A 428 -20.25 -11.81 -11.05
C PHE A 428 -21.39 -12.57 -10.37
N GLU A 429 -22.61 -12.01 -10.39
CA GLU A 429 -23.72 -12.73 -9.74
C GLU A 429 -24.04 -14.02 -10.53
N LEU A 430 -23.99 -13.94 -11.84
CA LEU A 430 -24.13 -15.14 -12.67
C LEU A 430 -23.02 -16.16 -12.47
N PHE A 431 -21.78 -15.70 -12.46
CA PHE A 431 -20.67 -16.64 -12.21
C PHE A 431 -20.76 -17.26 -10.84
N HIS A 432 -21.07 -16.45 -9.82
CA HIS A 432 -21.12 -16.93 -8.42
C HIS A 432 -22.18 -18.02 -8.16
N ASN A 433 -23.26 -17.99 -8.94
CA ASN A 433 -24.26 -19.06 -8.91
C ASN A 433 -23.67 -20.39 -9.29
N GLN A 434 -22.65 -20.37 -10.13
CA GLN A 434 -21.98 -21.59 -10.54
C GLN A 434 -20.84 -22.01 -9.60
N VAL A 435 -20.02 -21.01 -9.22
CA VAL A 435 -18.76 -21.21 -8.50
C VAL A 435 -18.76 -20.23 -7.34
N GLU A 436 -18.85 -20.72 -6.11
CA GLU A 436 -19.12 -19.84 -4.98
C GLU A 436 -17.83 -19.30 -4.40
N PHE A 437 -17.20 -18.40 -5.13
CA PHE A 437 -15.93 -17.79 -4.68
C PHE A 437 -16.27 -16.83 -3.54
N ASP A 438 -15.24 -16.48 -2.76
CA ASP A 438 -15.38 -15.63 -1.55
C ASP A 438 -14.72 -14.26 -1.72
N GLY A 439 -13.80 -14.18 -2.67
CA GLY A 439 -13.10 -12.93 -2.94
C GLY A 439 -12.58 -12.94 -4.35
N ILE A 440 -12.02 -11.82 -4.76
CA ILE A 440 -11.73 -11.50 -6.15
C ILE A 440 -10.37 -10.86 -6.27
N TRP A 441 -9.55 -11.41 -7.17
CA TRP A 441 -8.24 -10.91 -7.48
C TRP A 441 -8.31 -10.27 -8.87
N ILE A 442 -8.18 -8.96 -8.93
CA ILE A 442 -8.28 -8.26 -10.23
C ILE A 442 -6.86 -8.01 -10.66
N ASP A 443 -6.54 -8.44 -11.87
CA ASP A 443 -5.17 -8.42 -12.37
C ASP A 443 -5.18 -7.75 -13.74
N MET A 444 -4.00 -7.40 -14.27
CA MET A 444 -3.87 -6.91 -15.66
C MET A 444 -4.61 -5.61 -15.91
N ASN A 445 -4.77 -4.81 -14.85
CA ASN A 445 -5.62 -3.64 -14.90
C ASN A 445 -4.94 -2.26 -14.99
N GLU A 446 -3.75 -2.23 -15.58
CA GLU A 446 -3.03 -1.01 -15.82
C GLU A 446 -3.67 0.02 -16.79
N VAL A 447 -4.42 -0.39 -17.84
CA VAL A 447 -4.72 -1.75 -18.27
C VAL A 447 -3.64 -2.33 -19.22
N SER A 448 -3.36 -3.61 -19.05
CA SER A 448 -2.27 -4.29 -19.69
C SER A 448 -2.78 -4.93 -21.00
N ASN A 449 -2.02 -4.77 -22.07
CA ASN A 449 -2.46 -5.18 -23.43
C ASN A 449 -1.28 -5.86 -24.09
N PHE A 450 -1.51 -7.00 -24.72
CA PHE A 450 -0.42 -7.73 -25.35
C PHE A 450 0.02 -7.11 -26.68
N VAL A 451 -0.80 -6.20 -27.18
CA VAL A 451 -0.41 -5.36 -28.30
C VAL A 451 -0.26 -3.91 -27.86
N ASP A 452 0.54 -3.14 -28.59
CA ASP A 452 0.71 -1.73 -28.33
C ASP A 452 -0.46 -0.89 -28.82
N GLY A 453 -1.23 -0.32 -27.89
CA GLY A 453 -2.34 0.57 -28.22
C GLY A 453 -3.60 -0.19 -28.60
N SER A 454 -3.55 -0.87 -29.75
CA SER A 454 -4.68 -1.69 -30.20
C SER A 454 -4.21 -2.61 -31.32
N VAL A 455 -5.06 -3.53 -31.75
CA VAL A 455 -4.68 -4.47 -32.85
C VAL A 455 -4.30 -3.76 -34.16
N SER A 456 -4.77 -2.53 -34.36
CA SER A 456 -4.34 -1.74 -35.50
C SER A 456 -3.36 -0.61 -35.12
N GLY A 457 -2.71 -0.75 -33.96
CA GLY A 457 -1.77 0.26 -33.48
C GLY A 457 -2.45 1.56 -33.09
N CYS A 458 -1.69 2.65 -33.12
CA CYS A 458 -2.18 3.95 -32.71
C CYS A 458 -1.90 4.98 -33.78
N SER A 459 -2.83 5.91 -33.97
CA SER A 459 -2.61 7.03 -34.89
C SER A 459 -1.53 7.93 -34.32
N THR A 460 -0.83 8.62 -35.21
CA THR A 460 0.17 9.62 -34.84
C THR A 460 -0.53 10.90 -34.52
N ASN A 461 -0.37 11.39 -33.28
CA ASN A 461 -1.02 12.62 -32.82
C ASN A 461 -0.43 13.03 -31.47
N ASN A 462 -0.84 14.17 -30.92
CA ASN A 462 -0.15 14.70 -29.70
C ASN A 462 -0.46 13.91 -28.43
N LEU A 463 -1.43 13.00 -28.48
CA LEU A 463 -1.75 12.17 -27.33
C LEU A 463 -0.91 10.89 -27.35
N ASN A 464 -0.94 10.14 -28.45
CA ASN A 464 -0.10 8.97 -28.60
C ASN A 464 1.40 9.31 -28.66
N ASN A 465 1.70 10.52 -29.15
CA ASN A 465 3.08 10.94 -29.42
C ASN A 465 3.25 12.35 -28.93
N PRO A 466 3.34 12.51 -27.58
CA PRO A 466 3.37 13.85 -27.00
C PRO A 466 4.69 14.60 -27.19
N PRO A 467 4.67 15.93 -27.01
CA PRO A 467 5.89 16.73 -27.13
C PRO A 467 6.98 16.26 -26.15
N PHE A 468 6.56 15.86 -24.95
CA PHE A 468 7.49 15.32 -23.96
C PHE A 468 6.98 14.00 -23.37
N THR A 469 7.87 13.00 -23.26
CA THR A 469 7.50 11.72 -22.71
C THR A 469 8.45 11.48 -21.51
N PRO A 470 7.88 11.25 -20.31
CA PRO A 470 8.73 10.91 -19.17
C PRO A 470 9.50 9.64 -19.50
N ARG A 471 10.53 9.32 -18.71
CA ARG A 471 11.33 8.12 -18.92
C ARG A 471 10.65 6.80 -18.53
N ILE A 472 9.46 6.60 -19.06
CA ILE A 472 8.74 5.36 -18.90
C ILE A 472 9.43 4.22 -19.68
N LEU A 473 9.30 3.00 -19.17
CA LEU A 473 9.78 1.81 -19.86
C LEU A 473 9.30 1.77 -21.31
N ASP A 474 10.25 1.55 -22.22
CA ASP A 474 10.06 1.48 -23.68
C ASP A 474 9.78 2.78 -24.37
N GLY A 475 9.55 3.84 -23.59
CA GLY A 475 9.52 5.19 -24.10
C GLY A 475 8.34 5.60 -24.97
N TYR A 476 7.26 4.82 -25.01
CA TYR A 476 6.00 5.24 -25.65
C TYR A 476 4.87 5.02 -24.69
N LEU A 477 3.94 5.94 -24.64
CA LEU A 477 2.85 5.85 -23.70
C LEU A 477 1.99 4.61 -23.96
N PHE A 478 1.78 4.27 -25.23
CA PHE A 478 0.81 3.22 -25.56
C PHE A 478 1.42 1.83 -25.53
N CYS A 479 2.67 1.75 -25.12
CA CYS A 479 3.39 0.49 -24.98
CA CYS A 479 3.38 0.47 -24.97
C CYS A 479 2.70 -0.46 -23.99
N LYS A 480 2.28 -1.62 -24.50
CA LYS A 480 1.60 -2.67 -23.72
C LYS A 480 0.34 -2.18 -22.98
N THR A 481 -0.34 -1.20 -23.56
CA THR A 481 -1.60 -0.68 -22.98
C THR A 481 -2.50 -0.14 -24.07
N LEU A 482 -3.51 0.65 -23.70
CA LEU A 482 -4.43 1.21 -24.71
C LEU A 482 -3.93 2.48 -25.39
N CYS A 483 -4.47 2.77 -26.58
CA CYS A 483 -4.17 4.03 -27.26
C CYS A 483 -4.52 5.20 -26.33
N MET A 484 -3.70 6.23 -26.35
CA MET A 484 -3.88 7.36 -25.45
C MET A 484 -5.10 8.16 -25.90
N ASP A 485 -5.55 7.93 -27.15
CA ASP A 485 -6.73 8.65 -27.62
C ASP A 485 -8.00 7.82 -27.51
N ALA A 486 -7.88 6.67 -26.84
CA ALA A 486 -9.05 5.91 -26.53
C ALA A 486 -9.91 6.74 -25.58
N VAL A 487 -11.19 6.38 -25.51
CA VAL A 487 -12.21 7.27 -25.00
C VAL A 487 -13.08 6.54 -23.95
N GLN A 488 -13.23 7.14 -22.77
CA GLN A 488 -14.02 6.56 -21.66
C GLN A 488 -14.91 7.62 -21.07
N HIS A 489 -15.87 7.22 -20.25
CA HIS A 489 -16.75 8.17 -19.57
C HIS A 489 -16.05 9.36 -18.86
N TRP A 490 -14.94 9.09 -18.15
CA TRP A 490 -14.14 10.15 -17.50
C TRP A 490 -13.26 10.98 -18.41
N GLY A 491 -12.97 10.48 -19.62
CA GLY A 491 -12.23 11.26 -20.58
C GLY A 491 -11.33 10.37 -21.41
N LYS A 492 -10.35 10.97 -22.05
CA LYS A 492 -9.44 10.25 -22.90
C LYS A 492 -8.41 9.49 -22.09
N GLN A 493 -7.94 8.41 -22.67
CA GLN A 493 -6.99 7.54 -21.99
C GLN A 493 -5.71 8.30 -21.55
N TYR A 494 -5.29 9.31 -22.33
CA TYR A 494 -4.14 10.13 -21.99
C TYR A 494 -4.22 10.67 -20.54
N ASP A 495 -5.44 11.04 -20.14
CA ASP A 495 -5.67 11.71 -18.87
C ASP A 495 -5.98 10.73 -17.79
N ILE A 496 -6.64 9.61 -18.12
CA ILE A 496 -7.17 8.73 -17.08
C ILE A 496 -6.58 7.34 -17.13
N HIS A 497 -5.57 7.12 -17.96
CA HIS A 497 -4.95 5.82 -18.00
C HIS A 497 -4.63 5.34 -16.54
N ASN A 498 -4.01 6.22 -15.75
CA ASN A 498 -3.56 5.83 -14.37
C ASN A 498 -4.74 5.53 -13.41
N LEU A 499 -5.96 5.77 -13.86
CA LEU A 499 -7.13 5.60 -13.05
C LEU A 499 -7.88 4.34 -13.40
N TYR A 500 -7.38 3.56 -14.37
CA TYR A 500 -8.14 2.40 -14.84
C TYR A 500 -8.27 1.38 -13.71
N GLY A 501 -7.16 1.02 -13.07
CA GLY A 501 -7.20 0.00 -12.01
C GLY A 501 -7.97 0.48 -10.79
N TYR A 502 -7.87 1.78 -10.52
CA TYR A 502 -8.63 2.45 -9.46
C TYR A 502 -10.16 2.30 -9.73
N SER A 503 -10.57 2.68 -10.92
CA SER A 503 -11.96 2.57 -11.33
C SER A 503 -12.44 1.11 -11.31
N MET A 504 -11.58 0.18 -11.72
CA MET A 504 -11.92 -1.23 -11.69
C MET A 504 -12.13 -1.73 -10.26
N ALA A 505 -11.30 -1.28 -9.32
CA ALA A 505 -11.51 -1.66 -7.91
C ALA A 505 -12.82 -1.07 -7.37
N VAL A 506 -13.14 0.18 -7.72
CA VAL A 506 -14.36 0.84 -7.27
C VAL A 506 -15.53 -0.03 -7.71
N ALA A 507 -15.56 -0.36 -9.02
CA ALA A 507 -16.57 -1.24 -9.66
C ALA A 507 -16.68 -2.57 -9.02
N THR A 508 -15.55 -3.17 -8.68
CA THR A 508 -15.55 -4.50 -8.17
C THR A 508 -16.13 -4.48 -6.75
N ALA A 509 -15.80 -3.43 -6.03
CA ALA A 509 -16.37 -3.19 -4.70
C ALA A 509 -17.86 -2.97 -4.78
N GLU A 510 -18.32 -2.24 -5.80
CA GLU A 510 -19.76 -2.08 -6.03
C GLU A 510 -20.41 -3.44 -6.26
N ALA A 511 -19.77 -4.29 -7.06
CA ALA A 511 -20.18 -5.68 -7.27
C ALA A 511 -20.29 -6.49 -5.99
N ALA A 512 -19.33 -6.33 -5.07
CA ALA A 512 -19.36 -7.07 -3.80
C ALA A 512 -20.59 -6.76 -2.95
N LYS A 513 -21.16 -5.56 -3.08
CA LYS A 513 -22.39 -5.17 -2.38
C LYS A 513 -23.53 -6.13 -2.68
N THR A 514 -23.60 -6.56 -3.94
CA THR A 514 -24.64 -7.46 -4.41
C THR A 514 -24.27 -8.91 -4.25
N VAL A 515 -23.06 -9.29 -4.65
CA VAL A 515 -22.66 -10.70 -4.62
C VAL A 515 -22.45 -11.18 -3.18
N PHE A 516 -22.00 -10.28 -2.32
CA PHE A 516 -21.66 -10.66 -0.95
C PHE A 516 -22.37 -9.71 0.01
N PRO A 517 -23.70 -9.83 0.14
CA PRO A 517 -24.46 -8.78 0.78
C PRO A 517 -24.04 -8.60 2.24
N ASN A 518 -23.73 -7.36 2.58
CA ASN A 518 -23.29 -6.93 3.91
C ASN A 518 -21.95 -7.54 4.39
N LYS A 519 -21.17 -8.10 3.47
CA LYS A 519 -19.86 -8.63 3.81
C LYS A 519 -18.77 -7.79 3.16
N ARG A 520 -17.58 -7.82 3.76
CA ARG A 520 -16.44 -7.14 3.19
C ARG A 520 -15.88 -7.87 1.98
N SER A 521 -15.96 -9.20 2.02
CA SER A 521 -15.27 -10.07 1.06
C SER A 521 -13.75 -9.75 1.10
N PHE A 522 -13.12 -9.69 -0.07
CA PHE A 522 -11.68 -9.46 -0.24
C PHE A 522 -11.46 -9.11 -1.68
N ILE A 523 -10.80 -7.98 -1.94
CA ILE A 523 -10.39 -7.62 -3.30
C ILE A 523 -8.87 -7.41 -3.28
N LEU A 524 -8.15 -8.09 -4.16
CA LEU A 524 -6.71 -7.85 -4.35
C LEU A 524 -6.49 -7.24 -5.73
N THR A 525 -5.77 -6.12 -5.82
CA THR A 525 -5.60 -5.46 -7.12
C THR A 525 -4.13 -5.30 -7.46
N ARG A 526 -3.82 -5.32 -8.78
CA ARG A 526 -2.48 -5.00 -9.24
C ARG A 526 -2.26 -3.52 -9.41
N SER A 527 -2.98 -2.91 -10.37
CA SER A 527 -2.88 -1.46 -10.56
C SER A 527 -3.61 -0.63 -9.46
N THR A 528 -3.02 0.47 -9.05
CA THR A 528 -3.62 1.29 -7.97
C THR A 528 -3.42 2.73 -8.34
N PHE A 529 -4.17 3.61 -7.69
CA PHE A 529 -3.98 5.03 -7.70
C PHE A 529 -4.15 5.41 -6.22
N ALA A 530 -3.89 6.67 -5.89
CA ALA A 530 -4.07 7.16 -4.51
C ALA A 530 -5.50 6.96 -4.09
N GLY A 531 -5.70 6.23 -3.01
CA GLY A 531 -7.07 5.99 -2.62
C GLY A 531 -7.59 4.60 -2.88
N SER A 532 -6.88 3.78 -3.67
CA SER A 532 -7.30 2.41 -3.95
C SER A 532 -7.39 1.53 -2.72
N GLY A 533 -6.64 1.85 -1.67
CA GLY A 533 -6.74 1.05 -0.42
C GLY A 533 -8.08 1.12 0.29
N LYS A 534 -8.93 2.06 -0.09
CA LYS A 534 -10.30 2.09 0.43
C LYS A 534 -11.10 0.88 -0.07
N PHE A 535 -10.64 0.29 -1.18
CA PHE A 535 -11.36 -0.78 -1.88
C PHE A 535 -10.63 -2.08 -1.89
N ALA A 536 -9.29 -2.05 -1.87
CA ALA A 536 -8.55 -3.26 -2.19
C ALA A 536 -7.19 -3.43 -1.50
N ALA A 537 -6.79 -4.68 -1.32
CA ALA A 537 -5.38 -5.04 -1.06
C ALA A 537 -4.55 -5.00 -2.33
N HIS A 538 -3.23 -5.09 -2.17
CA HIS A 538 -2.31 -5.00 -3.27
C HIS A 538 -1.23 -6.06 -3.10
N TRP A 539 -0.74 -6.60 -4.22
CA TRP A 539 0.51 -7.38 -4.13
C TRP A 539 1.51 -6.75 -5.04
N LEU A 540 2.78 -6.96 -4.75
CA LEU A 540 3.82 -6.17 -5.44
C LEU A 540 4.22 -6.70 -6.81
N GLY A 541 3.55 -7.73 -7.28
CA GLY A 541 3.58 -8.02 -8.71
C GLY A 541 4.43 -9.21 -9.00
N ASP A 542 4.84 -9.31 -10.26
CA ASP A 542 5.57 -10.46 -10.79
C ASP A 542 7.05 -10.39 -10.44
N ASN A 543 7.40 -10.70 -9.20
CA ASN A 543 8.80 -10.74 -8.81
C ASN A 543 9.49 -12.04 -9.28
N THR A 544 10.69 -12.28 -8.77
CA THR A 544 11.56 -13.33 -9.25
C THR A 544 12.12 -13.98 -8.00
N ALA A 545 12.43 -15.26 -8.05
CA ALA A 545 12.99 -15.99 -6.92
C ALA A 545 14.47 -15.68 -6.83
N THR A 546 14.81 -14.51 -6.32
CA THR A 546 16.23 -14.13 -6.08
C THR A 546 16.33 -13.49 -4.72
N TRP A 547 17.53 -13.49 -4.15
CA TRP A 547 17.74 -12.81 -2.89
C TRP A 547 17.51 -11.30 -2.98
N ASP A 548 17.78 -10.71 -4.17
CA ASP A 548 17.54 -9.29 -4.35
C ASP A 548 16.05 -8.98 -4.18
N ASP A 549 15.20 -9.73 -4.88
CA ASP A 549 13.77 -9.57 -4.75
C ASP A 549 13.30 -9.71 -3.30
N LEU A 550 13.89 -10.63 -2.53
CA LEU A 550 13.49 -10.79 -1.16
C LEU A 550 13.73 -9.49 -0.38
N ARG A 551 14.98 -8.98 -0.47
CA ARG A 551 15.39 -7.72 0.14
C ARG A 551 14.52 -6.52 -0.30
N TRP A 552 14.23 -6.42 -1.60
CA TRP A 552 13.44 -5.32 -2.17
C TRP A 552 11.96 -5.31 -1.74
N SER A 553 11.49 -6.42 -1.20
CA SER A 553 10.09 -6.56 -0.79
C SER A 553 9.77 -5.66 0.39
N ILE A 554 10.72 -5.53 1.32
CA ILE A 554 10.41 -4.72 2.49
C ILE A 554 10.09 -3.24 2.22
N PRO A 555 10.95 -2.48 1.54
CA PRO A 555 10.55 -1.12 1.23
C PRO A 555 9.25 -1.03 0.45
N GLY A 556 8.95 -2.02 -0.38
CA GLY A 556 7.71 -2.00 -1.13
C GLY A 556 6.53 -2.11 -0.18
N VAL A 557 6.60 -3.04 0.76
CA VAL A 557 5.56 -3.17 1.77
C VAL A 557 5.37 -1.90 2.60
N LEU A 558 6.48 -1.29 3.03
CA LEU A 558 6.42 -0.08 3.85
C LEU A 558 5.79 1.07 3.07
N GLU A 559 6.24 1.27 1.84
CA GLU A 559 5.73 2.35 1.00
C GLU A 559 4.20 2.23 0.78
N PHE A 560 3.71 1.03 0.54
CA PHE A 560 2.25 0.88 0.35
C PHE A 560 1.48 1.15 1.60
N ASN A 561 2.13 0.92 2.74
CA ASN A 561 1.52 1.33 4.00
C ASN A 561 1.34 2.84 4.10
N LEU A 562 2.36 3.63 3.71
CA LEU A 562 2.29 5.08 3.69
C LEU A 562 1.16 5.48 2.74
N PHE A 563 0.96 4.68 1.72
CA PHE A 563 -0.11 5.00 0.71
C PHE A 563 -1.52 4.62 1.11
N GLY A 564 -1.69 4.00 2.28
CA GLY A 564 -2.99 3.60 2.80
C GLY A 564 -3.55 2.32 2.16
N ILE A 565 -2.65 1.49 1.66
CA ILE A 565 -2.91 0.11 1.25
C ILE A 565 -2.04 -0.81 2.13
N PRO A 566 -2.39 -0.95 3.45
CA PRO A 566 -1.56 -1.71 4.41
C PRO A 566 -1.52 -3.21 4.17
N MET A 567 -2.60 -3.76 3.64
CA MET A 567 -2.62 -5.15 3.25
C MET A 567 -1.89 -5.34 1.91
N VAL A 568 -0.59 -5.59 2.02
CA VAL A 568 0.32 -5.65 0.87
C VAL A 568 1.41 -6.68 1.13
N GLY A 569 1.84 -7.36 0.06
CA GLY A 569 2.93 -8.31 0.20
C GLY A 569 3.39 -8.66 -1.18
N PRO A 570 4.56 -9.30 -1.32
CA PRO A 570 4.92 -9.82 -2.64
C PRO A 570 4.39 -11.23 -2.85
N ASP A 571 4.79 -11.87 -3.97
CA ASP A 571 4.65 -13.33 -4.11
C ASP A 571 5.77 -13.96 -3.32
N ILE A 572 5.43 -14.59 -2.18
CA ILE A 572 6.43 -15.22 -1.33
C ILE A 572 7.09 -16.36 -2.10
N CYS A 573 8.40 -16.40 -1.99
CA CYS A 573 9.26 -17.35 -2.70
C CYS A 573 9.61 -16.95 -4.13
N GLY A 574 8.90 -15.99 -4.71
CA GLY A 574 9.23 -15.49 -6.03
C GLY A 574 8.33 -16.07 -7.12
N PHE A 575 7.71 -15.23 -7.92
CA PHE A 575 6.80 -15.65 -9.00
C PHE A 575 7.61 -16.37 -10.11
N ALA A 576 8.50 -15.62 -10.77
CA ALA A 576 9.29 -16.16 -11.87
C ALA A 576 10.46 -16.97 -11.30
N LEU A 577 10.74 -18.10 -11.96
CA LEU A 577 11.89 -18.96 -11.67
C LEU A 577 11.62 -20.02 -10.62
N ASP A 578 12.35 -21.14 -10.72
CA ASP A 578 12.36 -22.15 -9.67
C ASP A 578 13.00 -21.50 -8.47
N THR A 579 12.42 -21.68 -7.29
CA THR A 579 12.98 -21.10 -6.08
C THR A 579 13.97 -22.03 -5.39
N PRO A 580 15.17 -21.54 -5.03
CA PRO A 580 16.04 -22.37 -4.18
C PRO A 580 15.41 -22.63 -2.80
N GLU A 581 15.72 -23.76 -2.16
CA GLU A 581 15.12 -24.12 -0.86
C GLU A 581 15.48 -23.10 0.23
N GLU A 582 16.74 -22.64 0.26
CA GLU A 582 17.16 -21.75 1.33
C GLU A 582 16.46 -20.38 1.17
N LEU A 583 16.42 -19.89 -0.06
CA LEU A 583 15.68 -18.65 -0.30
C LEU A 583 14.18 -18.79 0.06
N CYS A 584 13.53 -19.84 -0.41
CA CYS A 584 12.12 -20.06 -0.03
C CYS A 584 11.91 -20.20 1.50
N ARG A 585 12.82 -20.88 2.18
CA ARG A 585 12.72 -20.98 3.62
C ARG A 585 12.82 -19.62 4.32
N ARG A 586 13.80 -18.76 3.95
CA ARG A 586 13.93 -17.41 4.53
C ARG A 586 12.76 -16.52 4.10
N TRP A 587 12.28 -16.74 2.88
CA TRP A 587 11.13 -15.93 2.40
C TRP A 587 9.82 -16.27 3.12
N MET A 588 9.61 -17.54 3.43
CA MET A 588 8.44 -17.96 4.22
C MET A 588 8.49 -17.49 5.69
N GLN A 589 9.70 -17.45 6.27
CA GLN A 589 9.87 -16.87 7.60
C GLN A 589 9.47 -15.41 7.61
N LEU A 590 10.02 -14.60 6.70
CA LEU A 590 9.64 -13.21 6.57
C LEU A 590 8.18 -13.10 6.15
N GLY A 591 7.79 -13.97 5.24
CA GLY A 591 6.46 -13.93 4.63
C GLY A 591 5.35 -14.18 5.61
N ALA A 592 5.63 -14.89 6.69
CA ALA A 592 4.66 -15.05 7.78
C ALA A 592 4.31 -13.70 8.42
N PHE A 593 5.08 -12.66 8.12
CA PHE A 593 4.89 -11.34 8.76
C PHE A 593 4.58 -10.20 7.82
N TYR A 594 4.44 -10.50 6.52
CA TYR A 594 3.86 -9.52 5.61
C TYR A 594 2.36 -9.35 5.94
N PRO A 595 1.84 -8.12 5.92
CA PRO A 595 0.41 -7.93 6.17
C PRO A 595 -0.51 -8.73 5.20
N PHE A 596 -0.15 -8.80 3.92
CA PHE A 596 -0.75 -9.75 2.97
C PHE A 596 0.25 -10.88 2.71
N SER A 597 -0.08 -12.10 3.13
CA SER A 597 0.84 -13.24 3.05
C SER A 597 0.38 -14.24 2.01
N ARG A 598 1.00 -14.24 0.84
CA ARG A 598 0.64 -15.19 -0.20
C ARG A 598 1.90 -15.78 -0.82
N ASN A 599 1.94 -17.09 -0.87
CA ASN A 599 2.91 -17.81 -1.68
C ASN A 599 2.28 -18.00 -3.07
N HIS A 600 2.89 -17.42 -4.11
CA HIS A 600 2.35 -17.48 -5.49
C HIS A 600 3.52 -17.79 -6.40
N ASN A 601 3.28 -18.51 -7.50
CA ASN A 601 4.35 -19.03 -8.34
C ASN A 601 3.91 -18.92 -9.80
N GLY A 602 4.90 -18.70 -10.69
CA GLY A 602 4.63 -18.49 -12.14
C GLY A 602 4.38 -19.81 -12.90
N GLN A 603 4.00 -19.73 -14.17
CA GLN A 603 3.69 -20.91 -15.03
C GLN A 603 4.97 -21.72 -15.26
N GLY A 604 4.90 -23.03 -15.00
CA GLY A 604 5.96 -23.96 -15.39
C GLY A 604 7.00 -24.28 -14.34
N TYR A 605 7.22 -23.36 -13.41
CA TYR A 605 8.33 -23.54 -12.44
C TYR A 605 8.06 -24.64 -11.44
N LYS A 606 9.09 -25.15 -10.78
CA LYS A 606 8.85 -26.19 -9.82
C LYS A 606 7.92 -25.68 -8.71
N ASP A 607 7.21 -26.59 -8.06
CA ASP A 607 6.37 -26.31 -6.91
C ASP A 607 7.12 -25.57 -5.82
N GLN A 608 6.45 -24.59 -5.23
CA GLN A 608 7.03 -23.88 -4.10
C GLN A 608 6.08 -23.71 -2.92
N ASP A 609 4.95 -24.42 -2.94
CA ASP A 609 4.02 -24.45 -1.84
C ASP A 609 4.80 -25.15 -0.72
N PRO A 610 4.59 -24.74 0.54
CA PRO A 610 5.45 -25.23 1.65
C PRO A 610 5.58 -26.77 1.78
N ALA A 611 4.47 -27.50 1.66
CA ALA A 611 4.52 -28.96 1.81
C ALA A 611 5.24 -29.64 0.63
N SER A 612 5.43 -28.94 -0.48
CA SER A 612 6.07 -29.57 -1.63
C SER A 612 7.55 -29.82 -1.33
N PHE A 613 8.05 -29.18 -0.27
CA PHE A 613 9.43 -29.34 0.10
C PHE A 613 9.66 -30.59 0.93
N GLY A 614 8.59 -31.30 1.29
CA GLY A 614 8.72 -32.49 2.08
C GLY A 614 7.99 -32.36 3.39
N ALA A 615 7.18 -33.38 3.70
CA ALA A 615 6.42 -33.51 4.95
C ALA A 615 7.26 -33.31 6.21
N ASP A 616 8.55 -33.56 6.11
CA ASP A 616 9.40 -33.41 7.29
C ASP A 616 10.56 -32.45 7.05
N SER A 617 10.42 -31.58 6.02
CA SER A 617 11.48 -30.64 5.69
C SER A 617 11.58 -29.54 6.76
N LEU A 618 12.76 -28.93 6.90
CA LEU A 618 12.97 -27.74 7.73
C LEU A 618 12.15 -26.56 7.16
N LEU A 619 12.03 -26.44 5.85
CA LEU A 619 11.22 -25.34 5.27
C LEU A 619 9.76 -25.44 5.75
N LEU A 620 9.12 -26.59 5.52
CA LEU A 620 7.77 -26.82 6.05
C LEU A 620 7.70 -26.64 7.56
N ASN A 621 8.58 -27.29 8.31
CA ASN A 621 8.59 -27.12 9.76
C ASN A 621 8.64 -25.66 10.19
N SER A 622 9.55 -24.91 9.56
CA SER A 622 9.80 -23.52 9.92
C SER A 622 8.61 -22.70 9.50
N SER A 623 8.10 -22.95 8.30
CA SER A 623 6.92 -22.29 7.78
C SER A 623 5.76 -22.42 8.72
N ARG A 624 5.40 -23.66 9.05
CA ARG A 624 4.30 -23.91 9.95
C ARG A 624 4.57 -23.22 11.32
N HIS A 625 5.81 -23.26 11.80
CA HIS A 625 6.10 -22.61 13.09
C HIS A 625 5.80 -21.10 13.06
N TYR A 626 6.28 -20.41 12.04
CA TYR A 626 6.11 -18.97 11.99
C TYR A 626 4.70 -18.53 11.57
N LEU A 627 4.07 -19.32 10.72
CA LEU A 627 2.64 -19.10 10.44
C LEU A 627 1.76 -19.28 11.68
N ASN A 628 2.06 -20.24 12.55
CA ASN A 628 1.35 -20.35 13.80
C ASN A 628 1.58 -19.16 14.72
N ILE A 629 2.80 -18.61 14.71
CA ILE A 629 3.02 -17.32 15.39
C ILE A 629 2.17 -16.21 14.76
N ARG A 630 2.21 -16.10 13.41
CA ARG A 630 1.37 -15.11 12.77
C ARG A 630 -0.07 -15.26 13.27
N TYR A 631 -0.59 -16.49 13.23
CA TYR A 631 -1.99 -16.69 13.59
C TYR A 631 -2.20 -16.42 15.08
N THR A 632 -1.19 -16.72 15.92
CA THR A 632 -1.39 -16.41 17.33
C THR A 632 -1.64 -14.92 17.52
N LEU A 633 -0.99 -14.12 16.69
CA LEU A 633 -0.93 -12.69 16.88
C LEU A 633 -1.95 -12.00 16.02
N LEU A 634 -2.86 -12.74 15.41
CA LEU A 634 -3.85 -12.07 14.53
C LEU A 634 -4.80 -11.09 15.24
N PRO A 635 -5.14 -11.33 16.53
CA PRO A 635 -5.90 -10.23 17.17
C PRO A 635 -5.14 -8.90 17.29
N TYR A 636 -3.84 -8.96 17.46
CA TYR A 636 -3.00 -7.75 17.45
C TYR A 636 -2.97 -7.16 16.02
N LEU A 637 -2.69 -8.00 15.02
CA LEU A 637 -2.65 -7.52 13.65
C LEU A 637 -4.01 -6.94 13.24
N TYR A 638 -5.08 -7.62 13.59
CA TYR A 638 -6.42 -7.11 13.22
C TYR A 638 -6.75 -5.77 13.86
N THR A 639 -6.37 -5.62 15.11
CA THR A 639 -6.52 -4.34 15.78
C THR A 639 -5.68 -3.26 15.09
N LEU A 640 -4.49 -3.59 14.57
CA LEU A 640 -3.70 -2.62 13.79
C LEU A 640 -4.47 -2.18 12.53
N PHE A 641 -5.15 -3.12 11.88
CA PHE A 641 -5.96 -2.75 10.68
C PHE A 641 -7.16 -1.93 11.03
N PHE A 642 -7.72 -2.17 12.22
CA PHE A 642 -8.81 -1.35 12.73
C PHE A 642 -8.35 0.10 12.89
N ARG A 643 -7.19 0.27 13.54
CA ARG A 643 -6.55 1.60 13.64
C ARG A 643 -6.18 2.23 12.29
N ALA A 644 -5.67 1.43 11.35
CA ALA A 644 -5.46 1.97 9.98
C ALA A 644 -6.78 2.42 9.34
N HIS A 645 -7.80 1.60 9.47
CA HIS A 645 -9.11 1.96 8.89
C HIS A 645 -9.79 3.18 9.53
N SER A 646 -9.71 3.30 10.86
CA SER A 646 -10.48 4.31 11.59
C SER A 646 -9.65 5.55 11.90
N ARG A 647 -8.33 5.42 11.97
CA ARG A 647 -7.52 6.56 12.36
C ARG A 647 -6.45 6.86 11.30
N GLY A 648 -6.06 5.87 10.51
CA GLY A 648 -5.07 6.08 9.45
C GLY A 648 -3.64 5.69 9.79
N ASP A 649 -3.40 5.00 10.92
CA ASP A 649 -2.06 4.49 11.29
C ASP A 649 -1.56 3.50 10.24
N THR A 650 -0.25 3.33 10.11
CA THR A 650 0.30 2.21 9.30
C THR A 650 0.22 0.88 10.06
N VAL A 651 0.37 -0.22 9.34
CA VAL A 651 0.30 -1.53 9.91
C VAL A 651 1.72 -2.12 9.90
N ALA A 652 2.29 -2.38 8.72
CA ALA A 652 3.74 -2.61 8.65
C ALA A 652 4.35 -1.21 8.63
N ARG A 653 5.24 -0.99 9.62
CA ARG A 653 5.69 0.32 10.00
C ARG A 653 7.25 0.35 10.02
N PRO A 654 7.85 1.42 9.46
CA PRO A 654 9.29 1.53 9.50
C PRO A 654 9.75 1.83 10.93
N LEU A 655 10.94 1.41 11.28
CA LEU A 655 11.46 1.72 12.63
C LEU A 655 11.40 3.20 12.92
N LEU A 656 11.69 4.03 11.91
CA LEU A 656 11.80 5.44 12.13
C LEU A 656 10.48 6.08 12.59
N HIS A 657 9.34 5.44 12.36
CA HIS A 657 8.07 6.00 12.75
C HIS A 657 7.88 5.98 14.23
N GLU A 658 8.50 5.01 14.90
CA GLU A 658 8.46 4.90 16.36
C GLU A 658 9.75 5.45 16.98
N PHE A 659 10.83 5.35 16.24
CA PHE A 659 12.14 5.73 16.78
C PHE A 659 12.86 6.88 16.05
N TYR A 660 12.09 7.84 15.51
CA TYR A 660 12.64 9.00 14.74
C TYR A 660 13.67 9.84 15.54
N GLU A 661 13.63 9.78 16.87
CA GLU A 661 14.58 10.51 17.70
C GLU A 661 15.99 9.98 17.48
N ASP A 662 16.08 8.78 16.92
CA ASP A 662 17.34 8.08 16.76
C ASP A 662 17.70 7.97 15.29
N ASN A 663 18.67 8.79 14.88
CA ASN A 663 18.98 8.88 13.45
C ASN A 663 19.56 7.61 12.80
N SER A 664 19.93 6.63 13.62
CA SER A 664 20.33 5.34 13.08
C SER A 664 19.14 4.59 12.47
N THR A 665 17.92 4.93 12.85
CA THR A 665 16.73 4.26 12.32
C THR A 665 16.29 4.80 10.96
N TRP A 666 16.84 5.94 10.54
CA TRP A 666 16.28 6.70 9.41
C TRP A 666 16.44 6.03 8.06
N ASP A 667 17.46 5.20 7.92
CA ASP A 667 17.50 4.35 6.73
C ASP A 667 17.48 2.86 6.94
N VAL A 668 16.97 2.41 8.09
CA VAL A 668 16.77 0.99 8.29
C VAL A 668 15.67 0.52 7.32
N HIS A 669 15.97 -0.46 6.48
CA HIS A 669 14.99 -0.99 5.51
C HIS A 669 15.01 -2.53 5.47
N GLN A 670 15.83 -3.16 6.32
CA GLN A 670 15.93 -4.61 6.31
C GLN A 670 15.19 -5.19 7.51
N GLN A 671 14.52 -4.31 8.25
CA GLN A 671 13.70 -4.66 9.40
C GLN A 671 12.46 -3.79 9.32
N PHE A 672 11.39 -4.24 9.97
CA PHE A 672 10.23 -3.39 10.15
C PHE A 672 9.45 -3.80 11.38
N LEU A 673 8.38 -3.06 11.67
CA LEU A 673 7.54 -3.35 12.82
C LEU A 673 6.13 -3.74 12.37
N TRP A 674 5.46 -4.56 13.18
CA TRP A 674 4.00 -4.60 13.12
C TRP A 674 3.55 -3.58 14.15
N GLY A 675 2.95 -2.49 13.70
CA GLY A 675 2.43 -1.47 14.61
C GLY A 675 3.58 -0.92 15.47
N PRO A 676 3.29 -0.55 16.72
CA PRO A 676 4.38 0.00 17.53
C PRO A 676 5.28 -1.03 18.23
N GLY A 677 4.86 -2.29 18.35
CA GLY A 677 5.45 -3.17 19.36
C GLY A 677 6.25 -4.38 18.96
N LEU A 678 6.18 -4.78 17.70
CA LEU A 678 6.78 -6.05 17.24
C LEU A 678 7.79 -5.78 16.16
N LEU A 679 9.03 -6.12 16.48
CA LEU A 679 10.18 -5.89 15.64
C LEU A 679 10.52 -7.17 14.94
N ILE A 680 10.54 -7.12 13.62
CA ILE A 680 10.79 -8.29 12.79
C ILE A 680 12.16 -8.15 12.10
N THR A 681 13.07 -9.11 12.33
CA THR A 681 14.43 -9.04 11.78
C THR A 681 14.73 -10.29 10.94
N PRO A 682 14.49 -10.24 9.62
CA PRO A 682 14.77 -11.41 8.81
C PRO A 682 16.24 -11.52 8.41
N VAL A 683 16.69 -12.73 8.14
CA VAL A 683 17.94 -13.02 7.38
C VAL A 683 17.58 -12.91 5.92
N LEU A 684 18.29 -12.02 5.22
CA LEU A 684 17.99 -11.66 3.86
C LEU A 684 19.17 -11.89 2.93
N ASP A 685 20.20 -12.57 3.45
CA ASP A 685 21.43 -12.90 2.70
C ASP A 685 21.68 -14.41 2.56
N GLU A 686 21.98 -14.81 1.33
CA GLU A 686 22.26 -16.20 1.01
C GLU A 686 23.44 -16.74 1.83
N GLY A 687 23.23 -17.90 2.44
CA GLY A 687 24.27 -18.56 3.20
C GLY A 687 24.38 -18.07 4.62
N ALA A 688 23.68 -16.99 4.95
CA ALA A 688 23.78 -16.38 6.27
C ALA A 688 22.98 -17.03 7.41
N GLU A 689 23.52 -16.95 8.61
CA GLU A 689 22.90 -17.52 9.79
C GLU A 689 22.91 -16.48 10.90
N LYS A 690 22.99 -15.23 10.44
CA LYS A 690 23.12 -14.05 11.25
C LYS A 690 22.50 -12.95 10.39
N VAL A 691 21.98 -11.93 11.03
CA VAL A 691 21.70 -10.71 10.31
C VAL A 691 22.28 -9.49 11.03
N MET A 692 22.66 -8.49 10.24
CA MET A 692 23.11 -7.21 10.76
C MET A 692 21.87 -6.34 10.92
N ALA A 693 21.58 -5.98 12.16
CA ALA A 693 20.28 -5.47 12.51
C ALA A 693 20.51 -4.28 13.40
N TYR A 694 19.49 -3.45 13.54
CA TYR A 694 19.57 -2.36 14.47
C TYR A 694 18.53 -2.62 15.54
N VAL A 695 18.96 -2.47 16.79
CA VAL A 695 18.08 -2.60 17.92
C VAL A 695 17.82 -1.20 18.43
N PRO A 696 16.57 -0.70 18.29
CA PRO A 696 16.22 0.64 18.75
C PRO A 696 16.28 0.85 20.26
N ASP A 697 16.13 2.09 20.68
CA ASP A 697 16.25 2.51 22.07
C ASP A 697 14.97 2.20 22.85
N ALA A 698 14.81 0.92 23.19
CA ALA A 698 13.69 0.45 23.98
C ALA A 698 14.13 -0.82 24.64
N VAL A 699 13.36 -1.25 25.63
CA VAL A 699 13.47 -2.61 26.15
C VAL A 699 12.91 -3.58 25.09
N TRP A 700 13.62 -4.68 24.79
CA TRP A 700 13.13 -5.68 23.83
C TRP A 700 13.13 -7.07 24.44
N TYR A 701 12.09 -7.85 24.18
CA TYR A 701 12.06 -9.24 24.62
C TYR A 701 11.92 -10.15 23.40
N ASP A 702 12.70 -11.22 23.42
CA ASP A 702 12.63 -12.31 22.48
C ASP A 702 11.23 -12.94 22.57
N TYR A 703 10.52 -13.01 21.45
CA TYR A 703 9.11 -13.39 21.47
C TYR A 703 8.94 -14.81 22.01
N GLU A 704 9.75 -15.72 21.51
CA GLU A 704 9.63 -17.13 21.86
C GLU A 704 9.93 -17.43 23.31
N THR A 705 11.05 -16.92 23.82
CA THR A 705 11.51 -17.25 25.16
C THR A 705 11.06 -16.26 26.22
N GLY A 706 10.77 -15.03 25.80
CA GLY A 706 10.33 -14.01 26.72
C GLY A 706 11.50 -13.28 27.39
N SER A 707 12.73 -13.67 27.08
CA SER A 707 13.87 -13.05 27.75
C SER A 707 14.29 -11.69 27.18
N GLN A 708 14.70 -10.80 28.09
CA GLN A 708 15.07 -9.44 27.72
C GLN A 708 16.44 -9.48 27.11
N VAL A 709 16.54 -8.87 25.94
CA VAL A 709 17.80 -8.82 25.23
C VAL A 709 18.67 -7.76 25.93
N ARG A 710 19.98 -7.95 25.79
CA ARG A 710 20.97 -7.02 26.32
C ARG A 710 21.06 -5.78 25.46
N TRP A 711 20.83 -5.96 24.16
CA TRP A 711 20.92 -4.90 23.18
C TRP A 711 19.97 -3.73 23.47
N ARG A 712 20.46 -2.52 23.23
CA ARG A 712 19.61 -1.33 23.24
C ARG A 712 20.30 -0.22 22.46
N LYS A 713 19.65 0.26 21.41
CA LYS A 713 20.12 1.42 20.65
C LYS A 713 21.50 1.18 20.05
N GLN A 714 21.63 0.14 19.24
CA GLN A 714 22.91 -0.25 18.69
C GLN A 714 22.71 -1.22 17.54
N LYS A 715 23.70 -1.28 16.65
CA LYS A 715 23.77 -2.34 15.66
C LYS A 715 24.23 -3.60 16.37
N VAL A 716 23.69 -4.75 15.94
CA VAL A 716 24.06 -6.04 16.48
C VAL A 716 24.19 -7.04 15.35
N GLU A 717 25.00 -8.10 15.56
CA GLU A 717 24.90 -9.30 14.71
C GLU A 717 23.94 -10.22 15.42
N MET A 718 22.73 -10.32 14.87
CA MET A 718 21.69 -11.12 15.51
C MET A 718 21.87 -12.53 15.00
N GLU A 719 22.02 -13.50 15.90
CA GLU A 719 22.27 -14.86 15.45
C GLU A 719 20.95 -15.54 15.11
N LEU A 720 20.81 -15.94 13.85
CA LEU A 720 19.57 -16.51 13.32
C LEU A 720 19.81 -17.70 12.39
N PRO A 721 19.82 -18.92 12.96
CA PRO A 721 20.08 -20.19 12.25
C PRO A 721 19.01 -20.45 11.20
N GLY A 722 19.19 -21.49 10.41
CA GLY A 722 18.29 -21.82 9.33
C GLY A 722 16.81 -21.80 9.66
N ASP A 723 16.47 -21.99 10.93
CA ASP A 723 15.09 -22.14 11.32
C ASP A 723 14.53 -20.96 12.09
N LYS A 724 15.20 -19.81 12.03
CA LYS A 724 14.85 -18.68 12.87
C LYS A 724 14.71 -17.33 12.12
N ILE A 725 13.72 -16.55 12.52
CA ILE A 725 13.65 -15.16 12.15
C ILE A 725 13.60 -14.38 13.44
N GLY A 726 14.19 -13.18 13.44
CA GLY A 726 14.17 -12.37 14.67
C GLY A 726 12.80 -11.78 14.94
N LEU A 727 12.27 -12.00 16.16
CA LEU A 727 10.99 -11.38 16.56
C LEU A 727 11.14 -10.89 18.00
N HIS A 728 11.02 -9.59 18.20
CA HIS A 728 11.16 -9.01 19.55
C HIS A 728 9.98 -8.14 19.84
N LEU A 729 9.56 -8.17 21.09
CA LEU A 729 8.44 -7.37 21.57
C LEU A 729 8.96 -6.21 22.36
N ARG A 730 8.40 -5.04 22.09
CA ARG A 730 8.79 -3.78 22.77
C ARG A 730 8.23 -3.69 24.17
N GLY A 731 9.08 -3.31 25.14
CA GLY A 731 8.61 -3.00 26.46
C GLY A 731 7.68 -1.80 26.47
N GLY A 732 6.62 -1.89 27.27
CA GLY A 732 5.59 -0.84 27.33
C GLY A 732 4.31 -1.20 26.56
N TYR A 733 4.31 -2.39 25.95
CA TYR A 733 3.18 -2.81 25.09
C TYR A 733 2.51 -4.09 25.54
N ILE A 734 1.19 -4.15 25.36
CA ILE A 734 0.41 -5.35 25.69
C ILE A 734 -0.19 -5.91 24.39
N PHE A 735 0.08 -7.18 24.12
CA PHE A 735 -0.26 -7.81 22.83
C PHE A 735 -1.36 -8.83 23.04
N PRO A 736 -2.54 -8.61 22.45
CA PRO A 736 -3.57 -9.63 22.56
C PRO A 736 -3.33 -10.80 21.60
N THR A 737 -3.57 -12.03 22.07
CA THR A 737 -3.35 -13.20 21.21
C THR A 737 -4.53 -14.17 21.27
N GLN A 738 -4.53 -15.17 20.40
CA GLN A 738 -5.53 -16.20 20.47
C GLN A 738 -4.90 -17.47 19.97
N GLN A 739 -5.12 -18.56 20.71
CA GLN A 739 -4.56 -19.86 20.40
C GLN A 739 -4.80 -20.13 18.90
N PRO A 740 -3.75 -20.51 18.18
CA PRO A 740 -3.85 -20.64 16.73
C PRO A 740 -4.57 -21.94 16.29
N ASN A 741 -5.08 -21.95 15.08
CA ASN A 741 -5.53 -23.20 14.49
C ASN A 741 -5.21 -23.01 12.98
N THR A 742 -5.63 -23.96 12.15
CA THR A 742 -5.18 -23.98 10.76
C THR A 742 -6.03 -23.11 9.86
N THR A 743 -7.15 -22.60 10.37
CA THR A 743 -7.94 -21.60 9.64
C THR A 743 -8.37 -20.59 10.68
N THR A 744 -8.72 -19.38 10.24
CA THR A 744 -9.20 -18.37 11.15
C THR A 744 -10.64 -18.66 11.56
N LEU A 745 -11.38 -19.40 10.74
CA LEU A 745 -12.74 -19.79 11.14
C LEU A 745 -12.67 -20.50 12.48
N ALA A 746 -11.67 -21.37 12.59
CA ALA A 746 -11.51 -22.18 13.76
C ALA A 746 -10.74 -21.41 14.85
N SER A 747 -9.66 -20.72 14.48
CA SER A 747 -8.82 -20.00 15.46
C SER A 747 -9.64 -18.98 16.27
N ARG A 748 -10.62 -18.36 15.63
CA ARG A 748 -11.44 -17.31 16.24
C ARG A 748 -12.36 -17.80 17.37
N LYS A 749 -12.53 -19.12 17.46
CA LYS A 749 -13.26 -19.76 18.55
C LYS A 749 -12.38 -20.07 19.79
N ASN A 750 -11.09 -19.84 19.71
CA ASN A 750 -10.16 -20.34 20.75
C ASN A 750 -9.95 -19.36 21.89
N PRO A 751 -9.39 -19.83 23.01
CA PRO A 751 -9.05 -18.93 24.08
C PRO A 751 -8.09 -17.84 23.61
N LEU A 752 -8.15 -16.72 24.31
CA LEU A 752 -7.30 -15.58 24.04
C LEU A 752 -6.21 -15.53 25.11
N GLY A 753 -5.19 -14.73 24.89
CA GLY A 753 -4.06 -14.60 25.85
C GLY A 753 -3.56 -13.15 25.84
N LEU A 754 -2.82 -12.74 26.86
CA LEU A 754 -2.18 -11.42 26.79
C LEU A 754 -0.73 -11.60 27.04
N ILE A 755 0.06 -10.89 26.24
CA ILE A 755 1.49 -10.79 26.47
C ILE A 755 1.75 -9.34 26.89
N ILE A 756 2.24 -9.21 28.14
CA ILE A 756 2.52 -7.93 28.72
C ILE A 756 4.06 -7.76 28.75
N ALA A 757 4.59 -6.89 27.88
CA ALA A 757 6.03 -6.66 27.80
C ALA A 757 6.27 -5.40 28.58
N LEU A 758 6.82 -5.53 29.79
CA LEU A 758 6.97 -4.38 30.66
C LEU A 758 8.10 -3.41 30.24
N ASP A 759 7.84 -2.10 30.38
CA ASP A 759 8.95 -1.12 30.21
C ASP A 759 9.77 -0.92 31.50
N GLU A 760 10.74 -0.01 31.42
CA GLU A 760 11.70 0.26 32.49
C GLU A 760 11.00 0.57 33.81
N ASN A 761 9.83 1.21 33.74
CA ASN A 761 9.01 1.53 34.92
C ASN A 761 7.99 0.48 35.29
N LYS A 762 8.09 -0.71 34.69
CA LYS A 762 7.14 -1.79 34.94
C LYS A 762 5.70 -1.45 34.54
N GLU A 763 5.56 -0.69 33.45
CA GLU A 763 4.23 -0.33 32.92
C GLU A 763 4.09 -0.82 31.47
N ALA A 764 2.86 -0.98 31.02
CA ALA A 764 2.61 -1.35 29.62
C ALA A 764 1.19 -0.99 29.30
N LYS A 765 0.89 -0.84 28.00
CA LYS A 765 -0.47 -0.51 27.57
C LYS A 765 -0.73 -1.24 26.26
N GLY A 766 -2.00 -1.55 26.02
CA GLY A 766 -2.37 -2.13 24.73
C GLY A 766 -3.89 -2.08 24.61
N GLU A 767 -4.39 -2.68 23.53
CA GLU A 767 -5.83 -2.59 23.23
C GLU A 767 -6.22 -3.75 22.33
N LEU A 768 -7.51 -4.01 22.27
CA LEU A 768 -8.00 -5.07 21.40
C LEU A 768 -9.34 -4.61 20.80
N PHE A 769 -9.40 -4.70 19.48
CA PHE A 769 -10.61 -4.51 18.74
C PHE A 769 -11.16 -5.89 18.38
N TRP A 770 -12.49 -6.07 18.54
CA TRP A 770 -13.13 -7.33 18.21
C TRP A 770 -14.53 -7.11 17.63
N ASP A 771 -14.75 -7.68 16.47
CA ASP A 771 -16.07 -7.61 15.88
C ASP A 771 -16.33 -8.98 15.22
N ASP A 772 -17.35 -9.12 14.38
CA ASP A 772 -17.66 -10.44 13.82
C ASP A 772 -16.67 -10.83 12.72
N GLY A 773 -15.75 -9.95 12.39
CA GLY A 773 -14.66 -10.33 11.49
C GLY A 773 -15.02 -10.29 10.01
N GLU A 774 -16.28 -10.00 9.66
CA GLU A 774 -16.67 -10.08 8.24
C GLU A 774 -17.76 -9.13 7.77
N THR A 775 -18.60 -8.63 8.67
CA THR A 775 -19.70 -7.74 8.24
C THR A 775 -19.19 -6.33 7.85
N LYS A 776 -19.74 -5.77 6.77
CA LYS A 776 -19.36 -4.44 6.37
C LYS A 776 -20.00 -3.44 7.33
N ASP A 777 -19.28 -2.35 7.60
CA ASP A 777 -19.78 -1.25 8.43
C ASP A 777 -19.97 -1.56 9.89
N THR A 778 -19.20 -2.52 10.45
CA THR A 778 -19.28 -2.76 11.87
C THR A 778 -18.74 -1.54 12.63
N VAL A 779 -17.81 -0.80 12.03
CA VAL A 779 -17.23 0.38 12.74
C VAL A 779 -18.17 1.60 12.61
N ALA A 780 -18.59 1.88 11.37
CA ALA A 780 -19.61 2.91 11.12
C ALA A 780 -20.87 2.75 11.97
N ASN A 781 -21.38 1.52 12.06
CA ASN A 781 -22.59 1.22 12.82
C ASN A 781 -22.30 0.90 14.27
N LYS A 782 -21.04 1.11 14.69
CA LYS A 782 -20.60 0.81 16.04
C LYS A 782 -21.14 -0.51 16.59
N VAL A 783 -20.79 -1.60 15.92
CA VAL A 783 -21.10 -2.95 16.38
C VAL A 783 -19.73 -3.67 16.58
N TYR A 784 -19.08 -3.34 17.71
CA TYR A 784 -17.79 -3.90 18.01
C TYR A 784 -17.42 -3.74 19.47
N LEU A 785 -16.37 -4.44 19.87
CA LEU A 785 -15.81 -4.34 21.20
C LEU A 785 -14.46 -3.68 21.08
N LEU A 786 -14.18 -2.73 21.94
CA LEU A 786 -12.86 -2.15 21.99
C LEU A 786 -12.48 -2.10 23.43
N CYS A 787 -11.43 -2.84 23.81
CA CYS A 787 -10.94 -2.66 25.16
C CYS A 787 -9.50 -2.20 25.23
N GLU A 788 -9.16 -1.70 26.42
CA GLU A 788 -7.84 -1.16 26.68
C GLU A 788 -7.25 -1.92 27.86
N PHE A 789 -5.98 -2.28 27.76
CA PHE A 789 -5.29 -2.96 28.86
C PHE A 789 -4.24 -1.97 29.35
N SER A 790 -4.05 -1.87 30.68
CA SER A 790 -2.95 -1.08 31.22
C SER A 790 -2.40 -1.74 32.46
N VAL A 791 -1.07 -1.79 32.54
CA VAL A 791 -0.37 -2.38 33.66
C VAL A 791 0.42 -1.27 34.36
N THR A 792 0.28 -1.19 35.69
CA THR A 792 1.10 -0.31 36.52
C THR A 792 1.51 -1.02 37.81
N GLN A 793 2.76 -1.50 37.82
CA GLN A 793 3.46 -2.22 38.91
C GLN A 793 2.84 -3.46 39.57
N ASN A 794 1.64 -3.32 40.08
CA ASN A 794 1.05 -4.41 40.82
C ASN A 794 -0.34 -4.71 40.28
N ARG A 795 -0.65 -4.25 39.06
CA ARG A 795 -2.05 -4.17 38.65
C ARG A 795 -2.22 -4.15 37.12
N LEU A 796 -3.04 -5.05 36.60
CA LEU A 796 -3.50 -5.00 35.21
C LEU A 796 -4.96 -4.58 35.27
N GLU A 797 -5.33 -3.58 34.48
CA GLU A 797 -6.71 -3.17 34.33
C GLU A 797 -7.18 -3.50 32.92
N VAL A 798 -8.29 -4.22 32.83
CA VAL A 798 -8.94 -4.41 31.55
C VAL A 798 -10.17 -3.49 31.52
N ASN A 799 -10.15 -2.52 30.61
CA ASN A 799 -11.18 -1.46 30.55
C ASN A 799 -11.92 -1.58 29.22
N ILE A 800 -13.22 -1.35 29.23
CA ILE A 800 -14.04 -1.54 28.05
C ILE A 800 -14.51 -0.20 27.53
N SER A 801 -14.04 0.22 26.38
CA SER A 801 -14.44 1.54 25.90
C SER A 801 -15.66 1.54 24.94
N GLN A 802 -15.87 0.42 24.25
CA GLN A 802 -17.03 0.25 23.39
C GLN A 802 -17.39 -1.20 23.55
N SER A 803 -18.68 -1.48 23.73
CA SER A 803 -19.11 -2.83 24.00
C SER A 803 -20.43 -3.18 23.33
N THR A 804 -20.50 -2.98 22.01
CA THR A 804 -21.71 -3.27 21.29
C THR A 804 -21.58 -4.52 20.44
N TYR A 805 -20.64 -5.40 20.80
CA TYR A 805 -20.56 -6.73 20.19
C TYR A 805 -20.08 -7.73 21.23
N LYS A 806 -20.91 -8.76 21.44
CA LYS A 806 -20.57 -9.88 22.32
C LYS A 806 -20.48 -11.13 21.44
N ASP A 807 -19.27 -11.64 21.27
CA ASP A 807 -19.01 -12.81 20.44
C ASP A 807 -19.79 -14.01 21.01
N PRO A 808 -20.56 -14.74 20.16
CA PRO A 808 -21.35 -15.87 20.68
C PRO A 808 -20.56 -17.11 21.03
N ASN A 809 -19.25 -17.09 20.81
CA ASN A 809 -18.41 -18.23 21.12
C ASN A 809 -17.83 -18.19 22.51
N ASN A 810 -18.26 -17.21 23.30
CA ASN A 810 -18.01 -17.28 24.75
C ASN A 810 -16.49 -17.28 24.95
N LEU A 811 -15.85 -16.21 24.50
CA LEU A 811 -14.40 -16.11 24.46
C LEU A 811 -13.90 -15.47 25.75
N ALA A 812 -12.72 -15.88 26.17
CA ALA A 812 -12.15 -15.40 27.39
C ALA A 812 -10.63 -15.46 27.30
N PHE A 813 -9.99 -14.50 27.94
CA PHE A 813 -8.54 -14.60 28.19
C PHE A 813 -8.31 -15.68 29.18
N ASN A 814 -7.48 -16.66 28.83
CA ASN A 814 -7.19 -17.73 29.78
C ASN A 814 -5.72 -17.81 30.20
N GLU A 815 -4.91 -16.87 29.71
CA GLU A 815 -3.45 -16.86 29.97
C GLU A 815 -2.94 -15.45 29.85
N ILE A 816 -2.14 -15.02 30.82
CA ILE A 816 -1.47 -13.72 30.77
C ILE A 816 0.02 -14.00 30.97
N LYS A 817 0.85 -13.62 30.01
CA LYS A 817 2.29 -13.74 30.17
C LYS A 817 2.89 -12.36 30.43
N ILE A 818 3.72 -12.25 31.47
CA ILE A 818 4.32 -10.96 31.86
C ILE A 818 5.82 -11.08 31.68
N LEU A 819 6.40 -10.16 30.90
CA LEU A 819 7.81 -10.18 30.59
C LEU A 819 8.51 -9.05 31.34
N GLY A 820 9.70 -9.34 31.84
CA GLY A 820 10.49 -8.32 32.51
C GLY A 820 10.02 -8.01 33.90
N THR A 821 9.47 -9.01 34.58
CA THR A 821 8.82 -8.81 35.86
C THR A 821 9.61 -9.53 36.97
N GLU A 822 9.57 -8.96 38.17
CA GLU A 822 9.93 -9.75 39.37
C GLU A 822 8.78 -10.69 39.72
N GLU A 823 9.03 -11.66 40.61
CA GLU A 823 8.01 -12.65 40.92
C GLU A 823 6.76 -12.02 41.43
N PRO A 824 5.63 -12.21 40.70
CA PRO A 824 4.38 -11.72 41.28
C PRO A 824 3.93 -12.72 42.35
N SER A 825 3.22 -12.25 43.35
CA SER A 825 2.64 -13.17 44.33
C SER A 825 1.29 -12.65 44.71
N ASN A 826 0.44 -13.48 45.32
CA ASN A 826 -0.90 -13.07 45.77
C ASN A 826 -1.84 -12.63 44.64
N VAL A 827 -1.77 -13.28 43.48
CA VAL A 827 -2.52 -12.79 42.31
C VAL A 827 -4.01 -12.92 42.51
N THR A 828 -4.71 -11.80 42.34
CA THR A 828 -6.13 -11.71 42.59
C THR A 828 -6.80 -11.12 41.37
N VAL A 829 -7.95 -11.68 41.00
CA VAL A 829 -8.72 -11.19 39.83
C VAL A 829 -10.01 -10.62 40.37
N LYS A 830 -10.35 -9.39 39.99
CA LYS A 830 -11.61 -8.80 40.39
C LYS A 830 -12.42 -8.43 39.16
N HIS A 831 -13.73 -8.56 39.27
CA HIS A 831 -14.64 -8.27 38.19
C HIS A 831 -15.60 -7.15 38.62
N ASN A 832 -15.42 -5.95 38.07
CA ASN A 832 -16.09 -4.74 38.56
C ASN A 832 -15.99 -4.61 40.09
N GLY A 833 -14.79 -4.82 40.63
CA GLY A 833 -14.51 -4.62 42.05
C GLY A 833 -14.67 -5.84 42.95
N VAL A 834 -15.36 -6.88 42.47
CA VAL A 834 -15.65 -8.03 43.31
C VAL A 834 -14.61 -9.16 43.17
N PRO A 835 -13.83 -9.41 44.24
CA PRO A 835 -13.02 -10.63 44.24
C PRO A 835 -13.96 -11.85 44.18
N SER A 836 -13.67 -12.85 43.34
CA SER A 836 -12.43 -13.01 42.58
C SER A 836 -12.63 -14.26 41.76
N THR A 838 -12.24 -18.22 42.63
CA THR A 838 -11.34 -18.25 41.47
C THR A 838 -9.96 -17.74 41.88
N SER A 839 -8.97 -18.64 41.82
CA SER A 839 -7.63 -18.35 42.32
C SER A 839 -6.56 -18.79 41.29
N PRO A 840 -5.90 -17.83 40.60
CA PRO A 840 -5.10 -18.14 39.42
C PRO A 840 -3.82 -18.92 39.74
N THR A 841 -3.35 -19.74 38.79
CA THR A 841 -2.03 -20.40 38.90
C THR A 841 -0.97 -19.48 38.33
N VAL A 842 0.16 -19.36 39.02
CA VAL A 842 1.23 -18.51 38.54
C VAL A 842 2.50 -19.34 38.49
N THR A 843 3.14 -19.34 37.31
CA THR A 843 4.47 -19.95 37.12
C THR A 843 5.51 -18.84 36.91
N TYR A 844 6.62 -18.93 37.62
CA TYR A 844 7.62 -17.90 37.51
C TYR A 844 8.95 -18.51 37.09
N ASP A 845 9.62 -17.88 36.14
CA ASP A 845 11.00 -18.20 35.74
C ASP A 845 11.89 -17.08 36.21
N SER A 846 12.63 -17.30 37.32
CA SER A 846 13.43 -16.23 37.90
C SER A 846 14.63 -15.84 37.04
N ASN A 847 15.16 -16.78 36.26
CA ASN A 847 16.31 -16.50 35.41
C ASN A 847 15.96 -15.53 34.27
N LEU A 848 14.80 -15.78 33.64
CA LEU A 848 14.32 -15.02 32.48
C LEU A 848 13.44 -13.84 32.85
N LYS A 849 12.94 -13.84 34.10
CA LYS A 849 12.06 -12.80 34.65
C LYS A 849 10.69 -12.81 33.92
N VAL A 850 10.12 -13.99 33.73
CA VAL A 850 8.83 -14.19 33.04
C VAL A 850 7.83 -14.83 33.99
N ALA A 851 6.64 -14.26 34.09
CA ALA A 851 5.57 -14.82 34.88
C ALA A 851 4.48 -15.22 33.91
N ILE A 852 3.89 -16.39 34.15
CA ILE A 852 2.71 -16.77 33.36
C ILE A 852 1.59 -17.08 34.31
N ILE A 853 0.47 -16.42 34.10
CA ILE A 853 -0.73 -16.61 34.89
C ILE A 853 -1.75 -17.42 34.08
N THR A 854 -2.12 -18.59 34.61
CA THR A 854 -3.12 -19.50 34.00
C THR A 854 -4.25 -19.82 34.99
N ASP A 855 -5.21 -20.66 34.58
CA ASP A 855 -6.37 -20.98 35.42
C ASP A 855 -7.08 -19.66 35.75
N ILE A 856 -7.29 -18.87 34.69
CA ILE A 856 -7.93 -17.59 34.75
C ILE A 856 -8.96 -17.56 33.62
N ASP A 857 -10.02 -16.77 33.80
CA ASP A 857 -11.09 -16.79 32.83
C ASP A 857 -11.71 -15.40 32.69
N LEU A 858 -10.99 -14.50 32.04
CA LEU A 858 -11.47 -13.13 31.88
C LEU A 858 -12.28 -13.07 30.62
N LEU A 859 -13.61 -13.05 30.75
CA LEU A 859 -14.52 -12.98 29.60
C LEU A 859 -14.27 -11.76 28.74
N LEU A 860 -14.13 -12.00 27.45
CA LEU A 860 -13.95 -10.92 26.52
C LEU A 860 -15.16 -9.98 26.60
N GLY A 861 -14.88 -8.69 26.80
CA GLY A 861 -15.94 -7.68 26.89
C GLY A 861 -16.33 -7.26 28.29
N GLU A 862 -15.66 -7.84 29.28
CA GLU A 862 -15.90 -7.54 30.69
C GLU A 862 -14.69 -6.86 31.31
N ALA A 863 -14.96 -5.95 32.25
CA ALA A 863 -13.95 -5.20 32.93
C ALA A 863 -13.36 -6.01 34.08
N TYR A 864 -12.03 -6.02 34.19
CA TYR A 864 -11.33 -6.74 35.26
C TYR A 864 -10.14 -5.96 35.73
N THR A 865 -9.74 -6.26 36.97
CA THR A 865 -8.45 -5.88 37.53
C THR A 865 -7.74 -7.14 37.98
N VAL A 866 -6.49 -7.30 37.60
CA VAL A 866 -5.67 -8.41 38.06
C VAL A 866 -4.59 -7.71 38.84
N GLU A 867 -4.41 -8.11 40.10
CA GLU A 867 -3.45 -7.47 40.99
C GLU A 867 -2.52 -8.49 41.60
N TRP A 868 -1.30 -8.06 41.93
CA TRP A 868 -0.30 -8.91 42.56
C TRP A 868 0.60 -8.06 43.44
N ALA A 869 1.33 -8.71 44.32
CA ALA A 869 2.34 -8.06 45.13
C ALA A 869 3.72 -8.52 44.68
N HIS A 870 4.76 -7.82 45.14
CA HIS A 870 6.14 -8.29 45.09
C HIS A 870 6.62 -8.42 46.54
#